data_9Q3F
#
_entry.id   9Q3F
#
_cell.length_a   1.00
_cell.length_b   1.00
_cell.length_c   1.00
_cell.angle_alpha   90.00
_cell.angle_beta   90.00
_cell.angle_gamma   90.00
#
_symmetry.space_group_name_H-M   'P 1'
#
loop_
_entity.id
_entity.type
_entity.pdbx_description
1 polymer 'Protein argonaute-1'
2 polymer 'Non-homogenous guide RNA'
#
loop_
_entity_poly.entity_id
_entity_poly.type
_entity_poly.pdbx_seq_one_letter_code
_entity_poly.pdbx_strand_id
1 'polypeptide(L)'
;GAMGSMDYKDDDDKMEAGPSGAAAGAYLPPLQQVFQAPRRPGIGTVGKPIKLLANYFEVDIPKIDVYHYEVDIKPDKCPR
RVNREVVEYMVQHFKPQIFGDRKPVYDGKKNIYTVTALPIGNERVDFEVTIPGEGKDRIFKVSIKWLAIVSWRMLHEALV
SGQIPVPLESVQALDVAMRHLASMRYTPVGRSFSPPEGYYHPLGGGREVWFGFHQSVRPAMWKMMLNIDVSATAFYKAQP
VIEFMCEVLDIRNIDEQPKPLTDSQRVRFTKEIKGLKVEVTHCGQMKRKYRVCNVTRRPASHQTFPLQLESGQTVECTVA
QYFKQKYNLQLKYPHLPCLQVGQEQKHTYLPLEVCNIVAGQRCIKKLTDNQTSTMIKATARSAPDRQEEISRLMKNASYN
LDPYIQEFGIKVKDDMTEVTGRVLPAPILQYGGRNRAIATPNQGVWDMRGKQFYNGIEIKVWAIACFAPQKQCREEVLKN
FTDQLRKISKDAGMPIQGQPCFCKYAQGADSVEPMFRHLKNTYSGLQLIIVILPGKTPVYAEVKRVGDTLLGMATQCVQV
KNVVKTSPQTLSNLCLKINVKLGGINNILVPHQRSAVFQQPVIFLGADVTHPPAGDGKKPSITAVVGSMDAHPSRYCATV
RVQRPRQEIIEDLSYMVRELLIQFYKSTRFKPTRIIFYRDGVPEGQLPQILHYELLAIRDACIKLEKDYQPGITYIVVQK
RHHTRLFCADKNERIGKSGNIPAGTTVDTNITHPFEFDFYLCSHAGIQGTSRPSHYYVLWDDNRFTADELQILTYQLCHT
YVRCTRSVSIPAPAYYARLVAFRARYHLVDKEHDSGEGSHISGQSNGRDPQALAKAVQVHQDTLRTMYFA
;
A
2 'polyribonucleotide' AAAAAAAA B
#
# COMPACT_ATOMS: atom_id res chain seq x y z
N PHE A 35 -24.89 -12.36 2.65
CA PHE A 35 -25.91 -11.45 2.15
C PHE A 35 -26.04 -10.22 3.04
N GLN A 36 -25.54 -10.32 4.27
CA GLN A 36 -25.64 -9.24 5.23
C GLN A 36 -24.40 -9.29 6.13
N ALA A 37 -24.45 -8.58 7.25
CA ALA A 37 -23.34 -8.54 8.20
C ALA A 37 -23.85 -8.83 9.59
N PRO A 38 -23.03 -9.47 10.43
CA PRO A 38 -23.45 -9.79 11.80
C PRO A 38 -23.39 -8.57 12.70
N ARG A 39 -23.88 -8.77 13.93
CA ARG A 39 -23.88 -7.74 14.95
C ARG A 39 -22.98 -8.14 16.11
N ARG A 40 -22.60 -7.16 16.91
CA ARG A 40 -21.63 -7.38 17.97
C ARG A 40 -22.21 -8.27 19.06
N PRO A 41 -21.58 -9.39 19.40
CA PRO A 41 -22.02 -10.23 20.53
C PRO A 41 -21.35 -9.86 21.85
N GLY A 42 -21.42 -8.58 22.21
CA GLY A 42 -20.90 -8.11 23.49
C GLY A 42 -19.60 -7.35 23.33
N ILE A 43 -19.00 -7.06 24.48
CA ILE A 43 -17.75 -6.30 24.56
C ILE A 43 -16.74 -7.11 25.35
N GLY A 44 -15.50 -7.16 24.86
CA GLY A 44 -14.47 -7.92 25.54
C GLY A 44 -14.11 -7.33 26.88
N THR A 45 -13.67 -8.21 27.80
CA THR A 45 -13.42 -7.81 29.18
C THR A 45 -12.13 -8.44 29.73
N VAL A 46 -11.15 -8.72 28.86
CA VAL A 46 -9.89 -9.30 29.27
C VAL A 46 -8.76 -8.34 28.90
N GLY A 47 -7.86 -8.09 29.85
CA GLY A 47 -6.73 -7.23 29.65
C GLY A 47 -6.53 -6.28 30.80
N LYS A 48 -5.57 -5.37 30.64
CA LYS A 48 -5.25 -4.36 31.64
C LYS A 48 -5.62 -2.98 31.12
N PRO A 49 -6.41 -2.22 31.86
CA PRO A 49 -6.92 -0.94 31.32
C PRO A 49 -5.79 0.04 31.01
N ILE A 50 -6.01 0.81 29.93
CA ILE A 50 -5.08 1.85 29.50
C ILE A 50 -5.90 3.10 29.17
N LYS A 51 -5.24 4.25 29.16
CA LYS A 51 -5.86 5.52 28.85
C LYS A 51 -5.20 6.14 27.63
N LEU A 52 -6.00 6.47 26.62
CA LEU A 52 -5.48 6.93 25.34
C LEU A 52 -6.23 8.17 24.88
N LEU A 53 -5.79 8.73 23.75
CA LEU A 53 -6.43 9.85 23.10
C LEU A 53 -6.44 9.62 21.60
N ALA A 54 -7.55 9.98 20.95
CA ALA A 54 -7.71 9.82 19.52
C ALA A 54 -8.09 11.15 18.89
N ASN A 55 -7.70 11.33 17.63
CA ASN A 55 -7.90 12.61 16.94
C ASN A 55 -9.27 12.66 16.28
N TYR A 56 -10.31 12.56 17.11
CA TYR A 56 -11.69 12.65 16.68
C TYR A 56 -12.36 13.80 17.43
N PHE A 57 -13.00 14.70 16.68
CA PHE A 57 -13.70 15.85 17.24
C PHE A 57 -15.18 15.75 16.90
N GLU A 58 -16.03 15.94 17.91
CA GLU A 58 -17.47 15.73 17.75
C GLU A 58 -18.10 16.82 16.89
N VAL A 59 -19.21 16.47 16.25
CA VAL A 59 -19.97 17.39 15.40
C VAL A 59 -21.46 17.18 15.69
N ASP A 60 -22.21 18.28 15.78
CA ASP A 60 -23.63 18.24 16.10
C ASP A 60 -24.46 18.61 14.88
N ILE A 61 -25.69 18.12 14.84
CA ILE A 61 -26.57 18.35 13.70
C ILE A 61 -27.93 18.86 14.20
N PRO A 62 -28.64 19.67 13.41
CA PRO A 62 -29.85 20.34 13.91
C PRO A 62 -31.17 19.64 13.63
N LYS A 63 -31.16 18.48 12.98
CA LYS A 63 -32.39 17.72 12.69
C LYS A 63 -33.36 18.55 11.85
N ILE A 64 -32.95 18.89 10.64
CA ILE A 64 -33.77 19.62 9.68
C ILE A 64 -33.82 18.85 8.37
N ASP A 65 -34.50 19.43 7.39
CA ASP A 65 -34.65 18.84 6.06
C ASP A 65 -33.90 19.69 5.04
N VAL A 66 -33.05 19.05 4.25
CA VAL A 66 -32.23 19.73 3.25
C VAL A 66 -32.70 19.29 1.87
N TYR A 67 -32.70 20.23 0.92
CA TYR A 67 -33.19 19.99 -0.43
C TYR A 67 -32.03 19.71 -1.37
N HIS A 68 -32.18 18.69 -2.20
CA HIS A 68 -31.12 18.18 -3.07
C HIS A 68 -31.39 18.59 -4.50
N TYR A 69 -30.40 19.16 -5.16
CA TYR A 69 -30.52 19.65 -6.53
C TYR A 69 -29.39 19.08 -7.38
N GLU A 70 -29.59 19.13 -8.70
CA GLU A 70 -28.62 18.64 -9.67
C GLU A 70 -28.27 19.75 -10.64
N VAL A 71 -26.98 19.96 -10.87
CA VAL A 71 -26.49 20.99 -11.79
C VAL A 71 -25.51 20.35 -12.75
N ASP A 72 -25.74 20.53 -14.04
CA ASP A 72 -24.88 20.00 -15.09
C ASP A 72 -24.55 21.10 -16.09
N ILE A 73 -23.26 21.23 -16.41
CA ILE A 73 -22.77 22.28 -17.29
C ILE A 73 -21.96 21.63 -18.41
N LYS A 74 -22.26 22.02 -19.65
CA LYS A 74 -21.47 21.54 -20.78
C LYS A 74 -20.60 22.67 -21.33
N PRO A 75 -19.41 22.37 -21.89
CA PRO A 75 -18.83 21.04 -22.13
C PRO A 75 -18.41 20.31 -20.85
N ASP A 76 -18.34 18.98 -20.90
CA ASP A 76 -18.12 18.16 -19.71
C ASP A 76 -16.65 18.07 -19.32
N LYS A 77 -15.74 18.60 -20.12
CA LYS A 77 -14.31 18.53 -19.82
C LYS A 77 -13.81 19.68 -18.95
N CYS A 78 -14.70 20.58 -18.54
CA CYS A 78 -14.27 21.72 -17.74
C CYS A 78 -13.81 21.24 -16.36
N PRO A 79 -12.80 21.88 -15.78
CA PRO A 79 -12.30 21.44 -14.48
C PRO A 79 -13.19 21.92 -13.32
N ARG A 80 -12.97 21.29 -12.17
CA ARG A 80 -13.78 21.56 -10.99
C ARG A 80 -13.62 23.00 -10.52
N ARG A 81 -12.42 23.56 -10.62
CA ARG A 81 -12.22 24.94 -10.21
C ARG A 81 -13.04 25.89 -11.07
N VAL A 82 -13.05 25.68 -12.38
CA VAL A 82 -13.83 26.53 -13.27
C VAL A 82 -15.32 26.33 -13.02
N ASN A 83 -15.74 25.10 -12.74
CA ASN A 83 -17.15 24.85 -12.41
C ASN A 83 -17.55 25.63 -11.15
N ARG A 84 -16.71 25.58 -10.13
CA ARG A 84 -17.00 26.31 -8.90
C ARG A 84 -17.04 27.81 -9.16
N GLU A 85 -16.10 28.32 -9.97
CA GLU A 85 -16.07 29.75 -10.26
C GLU A 85 -17.34 30.19 -10.98
N VAL A 86 -17.77 29.45 -12.00
CA VAL A 86 -18.95 29.86 -12.75
C VAL A 86 -20.21 29.71 -11.90
N VAL A 87 -20.27 28.69 -11.05
CA VAL A 87 -21.43 28.55 -10.16
C VAL A 87 -21.50 29.72 -9.19
N GLU A 88 -20.35 30.12 -8.64
CA GLU A 88 -20.34 31.26 -7.72
C GLU A 88 -20.73 32.54 -8.43
N TYR A 89 -20.25 32.73 -9.66
CA TYR A 89 -20.63 33.92 -10.43
C TYR A 89 -22.13 33.94 -10.68
N MET A 90 -22.71 32.81 -11.07
CA MET A 90 -24.14 32.74 -11.30
C MET A 90 -24.92 33.04 -10.01
N VAL A 91 -24.47 32.50 -8.89
CA VAL A 91 -25.15 32.76 -7.62
C VAL A 91 -25.10 34.24 -7.26
N GLN A 92 -23.92 34.86 -7.44
CA GLN A 92 -23.74 36.23 -6.99
C GLN A 92 -24.46 37.23 -7.89
N HIS A 93 -24.36 37.07 -9.21
CA HIS A 93 -24.81 38.11 -10.13
C HIS A 93 -26.07 37.75 -10.90
N PHE A 94 -26.63 36.56 -10.70
CA PHE A 94 -27.96 36.21 -11.18
C PHE A 94 -28.88 35.95 -9.99
N LYS A 95 -28.77 36.83 -8.98
CA LYS A 95 -29.39 36.55 -7.68
C LYS A 95 -30.91 36.69 -7.71
N PRO A 96 -31.49 37.83 -8.08
CA PRO A 96 -32.95 38.00 -7.90
C PRO A 96 -33.78 36.99 -8.69
N GLN A 97 -33.27 36.50 -9.81
CA GLN A 97 -34.04 35.54 -10.60
C GLN A 97 -34.27 34.24 -9.84
N ILE A 98 -33.26 33.77 -9.12
CA ILE A 98 -33.30 32.41 -8.56
C ILE A 98 -33.17 32.44 -7.05
N PHE A 99 -32.06 32.95 -6.54
CA PHE A 99 -31.68 32.80 -5.14
C PHE A 99 -32.08 34.04 -4.35
N GLY A 100 -32.93 33.86 -3.34
CA GLY A 100 -33.27 34.94 -2.45
C GLY A 100 -32.67 34.79 -1.06
N ASP A 101 -31.61 35.54 -0.78
CA ASP A 101 -30.97 35.57 0.54
C ASP A 101 -30.56 34.16 1.00
N ARG A 102 -30.08 33.34 0.06
CA ARG A 102 -29.71 31.97 0.35
C ARG A 102 -28.30 31.70 -0.13
N LYS A 103 -27.53 30.97 0.69
CA LYS A 103 -26.17 30.58 0.34
C LYS A 103 -26.09 29.07 0.18
N PRO A 104 -25.99 28.57 -1.05
CA PRO A 104 -25.92 27.11 -1.24
C PRO A 104 -24.52 26.58 -0.99
N VAL A 105 -24.41 25.26 -1.01
CA VAL A 105 -23.13 24.56 -0.90
C VAL A 105 -23.00 23.65 -2.11
N TYR A 106 -21.86 23.73 -2.78
CA TYR A 106 -21.62 23.01 -4.03
C TYR A 106 -20.45 22.06 -3.85
N ASP A 107 -20.68 20.77 -4.08
CA ASP A 107 -19.64 19.78 -3.89
C ASP A 107 -18.50 19.94 -4.90
N GLY A 108 -18.85 20.24 -6.16
CA GLY A 108 -17.83 20.48 -7.15
C GLY A 108 -18.12 19.92 -8.53
N LYS A 109 -18.93 18.87 -8.62
CA LYS A 109 -19.22 18.22 -9.90
C LYS A 109 -20.67 18.37 -10.33
N LYS A 110 -21.63 17.90 -9.54
CA LYS A 110 -23.00 17.80 -10.03
C LYS A 110 -24.08 18.26 -9.06
N ASN A 111 -23.83 18.30 -7.76
CA ASN A 111 -24.89 18.46 -6.76
C ASN A 111 -24.71 19.73 -5.96
N ILE A 112 -25.83 20.40 -5.67
CA ILE A 112 -25.86 21.55 -4.78
C ILE A 112 -26.98 21.35 -3.77
N TYR A 113 -26.85 22.00 -2.62
CA TYR A 113 -27.83 21.89 -1.54
C TYR A 113 -28.27 23.27 -1.10
N THR A 114 -29.45 23.33 -0.48
CA THR A 114 -29.99 24.59 0.03
C THR A 114 -30.85 24.28 1.24
N VAL A 115 -30.74 25.12 2.27
CA VAL A 115 -31.45 24.88 3.51
C VAL A 115 -32.96 25.03 3.33
N THR A 116 -33.39 25.98 2.51
CA THR A 116 -34.80 26.26 2.29
C THR A 116 -35.17 25.98 0.84
N ALA A 117 -36.45 25.67 0.64
CA ALA A 117 -36.94 25.28 -0.69
C ALA A 117 -36.77 26.43 -1.68
N LEU A 118 -36.27 26.10 -2.87
CA LEU A 118 -36.10 27.08 -3.93
C LEU A 118 -37.40 27.23 -4.69
N PRO A 119 -37.93 28.46 -4.84
CA PRO A 119 -39.26 28.63 -5.43
C PRO A 119 -39.25 28.66 -6.96
N ILE A 120 -38.16 28.23 -7.58
CA ILE A 120 -38.07 28.27 -9.04
C ILE A 120 -39.11 27.36 -9.67
N GLY A 121 -39.24 26.15 -9.15
CA GLY A 121 -40.20 25.19 -9.66
C GLY A 121 -39.65 23.77 -9.61
N ASN A 122 -40.57 22.80 -9.68
CA ASN A 122 -40.21 21.40 -9.57
C ASN A 122 -39.73 20.81 -10.90
N GLU A 123 -40.03 21.46 -12.02
CA GLU A 123 -39.66 20.91 -13.31
C GLU A 123 -38.21 21.28 -13.66
N ARG A 124 -37.72 20.67 -14.74
CA ARG A 124 -36.35 20.88 -15.20
C ARG A 124 -36.28 22.23 -15.91
N VAL A 125 -35.86 23.24 -15.17
CA VAL A 125 -35.74 24.61 -15.70
C VAL A 125 -34.26 24.92 -15.88
N ASP A 126 -33.87 25.29 -17.10
CA ASP A 126 -32.49 25.61 -17.43
C ASP A 126 -32.34 27.11 -17.62
N PHE A 127 -31.25 27.66 -17.10
CA PHE A 127 -30.97 29.08 -17.15
C PHE A 127 -29.76 29.35 -18.03
N GLU A 128 -29.92 30.24 -19.01
CA GLU A 128 -28.85 30.62 -19.92
C GLU A 128 -28.21 29.42 -20.60
N ASP A 137 -16.85 29.15 -23.45
CA ASP A 137 -15.93 30.27 -23.29
C ASP A 137 -16.46 31.27 -22.26
N ARG A 138 -16.92 32.42 -22.74
CA ARG A 138 -17.50 33.43 -21.88
C ARG A 138 -18.98 33.19 -21.57
N ILE A 139 -19.59 32.17 -22.19
CA ILE A 139 -21.00 31.85 -22.00
C ILE A 139 -21.10 30.43 -21.48
N PHE A 140 -21.87 30.25 -20.41
CA PHE A 140 -22.09 28.95 -19.81
C PHE A 140 -23.58 28.73 -19.61
N LYS A 141 -23.99 27.46 -19.63
CA LYS A 141 -25.39 27.08 -19.50
C LYS A 141 -25.56 26.13 -18.32
N VAL A 142 -26.60 26.36 -17.53
CA VAL A 142 -26.86 25.58 -16.33
C VAL A 142 -28.31 25.10 -16.35
N SER A 143 -28.55 24.02 -15.61
CA SER A 143 -29.89 23.44 -15.51
C SER A 143 -30.09 22.92 -14.09
N ILE A 144 -31.36 22.84 -13.67
CA ILE A 144 -31.73 22.56 -12.30
C ILE A 144 -32.72 21.40 -12.28
N LYS A 145 -32.70 20.63 -11.19
CA LYS A 145 -33.62 19.51 -11.00
C LYS A 145 -34.04 19.52 -9.53
N TRP A 146 -34.69 18.43 -9.08
CA TRP A 146 -35.20 18.38 -7.72
C TRP A 146 -35.00 17.03 -7.05
N LEU A 147 -34.21 16.12 -7.63
CA LEU A 147 -34.23 14.73 -7.22
C LEU A 147 -33.82 14.54 -5.76
N ALA A 148 -34.51 13.63 -5.08
CA ALA A 148 -34.07 13.00 -3.83
C ALA A 148 -33.86 14.02 -2.71
N ILE A 149 -34.98 14.63 -2.29
CA ILE A 149 -34.96 15.41 -1.06
C ILE A 149 -34.55 14.52 0.11
N VAL A 150 -33.61 15.02 0.92
CA VAL A 150 -33.02 14.24 2.02
C VAL A 150 -33.47 14.83 3.35
N SER A 151 -33.24 14.08 4.42
CA SER A 151 -33.62 14.47 5.76
C SER A 151 -32.58 13.98 6.76
N TRP A 152 -32.57 14.60 7.94
CA TRP A 152 -31.56 14.33 8.96
C TRP A 152 -32.11 13.73 10.24
N ARG A 153 -33.43 13.82 10.49
CA ARG A 153 -34.00 13.17 11.66
C ARG A 153 -33.81 11.66 11.60
N MET A 154 -33.97 11.08 10.42
CA MET A 154 -33.72 9.65 10.26
C MET A 154 -32.27 9.30 10.56
N LEU A 155 -31.33 10.13 10.12
CA LEU A 155 -29.93 9.89 10.40
C LEU A 155 -29.65 9.95 11.90
N HIS A 156 -30.22 10.95 12.58
CA HIS A 156 -30.03 11.06 14.02
C HIS A 156 -30.60 9.85 14.74
N GLU A 157 -31.80 9.40 14.32
CA GLU A 157 -32.40 8.22 14.94
C GLU A 157 -31.56 6.97 14.70
N ALA A 158 -31.04 6.82 13.49
CA ALA A 158 -30.19 5.66 13.18
C ALA A 158 -28.93 5.65 14.02
N LEU A 159 -28.32 6.82 14.22
CA LEU A 159 -27.11 6.86 15.03
C LEU A 159 -27.41 6.67 16.51
N VAL A 160 -28.57 7.12 16.98
CA VAL A 160 -28.86 6.97 18.40
C VAL A 160 -29.34 5.56 18.73
N SER A 161 -29.92 4.84 17.76
CA SER A 161 -30.35 3.46 17.97
C SER A 161 -29.80 2.62 16.83
N GLY A 162 -28.93 1.67 17.15
CA GLY A 162 -28.24 0.88 16.15
C GLY A 162 -29.06 -0.28 15.61
N GLN A 163 -30.00 0.02 14.71
CA GLN A 163 -30.81 -1.06 14.08
C GLN A 163 -30.81 -0.85 12.55
N ILE A 164 -31.18 0.36 12.11
CA ILE A 164 -31.26 0.66 10.64
C ILE A 164 -29.90 1.14 10.15
N PRO A 165 -29.49 0.84 8.89
CA PRO A 165 -28.23 1.34 8.34
C PRO A 165 -28.21 2.87 8.21
N VAL A 166 -27.02 3.46 8.12
CA VAL A 166 -26.89 4.96 8.03
C VAL A 166 -27.15 5.42 6.61
N PRO A 167 -27.99 6.46 6.39
CA PRO A 167 -28.27 6.99 5.04
C PRO A 167 -27.03 7.63 4.43
N LEU A 168 -26.50 7.01 3.38
CA LEU A 168 -25.34 7.54 2.70
C LEU A 168 -25.63 8.91 2.09
N GLU A 169 -26.88 9.17 1.68
CA GLU A 169 -27.23 10.48 1.14
C GLU A 169 -27.06 11.57 2.20
N SER A 170 -27.56 11.33 3.41
CA SER A 170 -27.39 12.31 4.48
C SER A 170 -25.93 12.46 4.88
N VAL A 171 -25.19 11.35 4.92
CA VAL A 171 -23.77 11.42 5.25
C VAL A 171 -23.04 12.28 4.24
N GLN A 172 -23.31 12.08 2.95
CA GLN A 172 -22.66 12.87 1.91
C GLN A 172 -23.10 14.33 1.97
N ALA A 173 -24.35 14.58 2.32
CA ALA A 173 -24.81 15.96 2.48
C ALA A 173 -24.00 16.68 3.55
N LEU A 174 -23.83 16.04 4.71
CA LEU A 174 -23.04 16.65 5.78
C LEU A 174 -21.59 16.83 5.35
N ASP A 175 -21.02 15.83 4.68
CA ASP A 175 -19.62 15.92 4.26
C ASP A 175 -19.41 17.05 3.27
N VAL A 176 -20.35 17.27 2.36
CA VAL A 176 -20.25 18.37 1.42
C VAL A 176 -20.42 19.71 2.13
N ALA A 177 -21.35 19.79 3.08
CA ALA A 177 -21.59 21.03 3.79
C ALA A 177 -20.45 21.41 4.73
N MET A 178 -19.59 20.46 5.11
CA MET A 178 -18.52 20.69 6.06
C MET A 178 -17.20 21.05 5.36
N ARG A 179 -17.21 21.27 4.05
CA ARG A 179 -15.96 21.39 3.30
C ARG A 179 -15.89 22.59 2.38
N HIS A 180 -16.95 23.41 2.28
CA HIS A 180 -17.03 24.37 1.18
C HIS A 180 -15.98 25.48 1.30
N LEU A 181 -15.84 26.07 2.48
CA LEU A 181 -14.90 27.17 2.63
C LEU A 181 -13.46 26.71 2.42
N ALA A 182 -13.10 25.55 2.97
CA ALA A 182 -11.76 25.01 2.78
C ALA A 182 -11.49 24.72 1.31
N SER A 183 -12.48 24.13 0.62
CA SER A 183 -12.30 23.85 -0.80
C SER A 183 -12.15 25.14 -1.60
N MET A 184 -12.91 26.17 -1.25
CA MET A 184 -12.84 27.44 -1.98
C MET A 184 -11.51 28.14 -1.76
N ARG A 185 -11.00 28.11 -0.53
CA ARG A 185 -9.80 28.89 -0.21
C ARG A 185 -8.52 28.13 -0.56
N TYR A 186 -8.34 26.95 0.01
CA TYR A 186 -7.09 26.22 -0.16
C TYR A 186 -7.03 25.58 -1.55
N THR A 187 -5.94 24.86 -1.81
CA THR A 187 -5.77 24.16 -3.07
C THR A 187 -6.04 22.68 -2.86
N PRO A 188 -7.12 22.13 -3.39
CA PRO A 188 -7.47 20.73 -3.10
C PRO A 188 -6.69 19.78 -4.00
N VAL A 189 -6.04 18.79 -3.37
CA VAL A 189 -5.33 17.73 -4.07
C VAL A 189 -5.88 16.42 -3.52
N GLY A 190 -6.86 15.83 -4.21
CA GLY A 190 -7.54 14.68 -3.67
C GLY A 190 -8.33 15.04 -2.44
N ARG A 191 -8.06 14.35 -1.33
CA ARG A 191 -8.67 14.67 -0.05
C ARG A 191 -7.78 15.53 0.83
N SER A 192 -6.69 16.05 0.28
CA SER A 192 -5.76 16.90 1.01
C SER A 192 -6.07 18.38 0.77
N PHE A 193 -5.58 19.21 1.68
CA PHE A 193 -5.86 20.65 1.71
C PHE A 193 -4.57 21.44 1.92
N SER A 194 -3.54 21.14 1.13
CA SER A 194 -2.24 21.76 1.31
C SER A 194 -2.33 23.28 1.14
N PRO A 195 -1.94 24.06 2.15
CA PRO A 195 -1.98 25.52 2.01
C PRO A 195 -0.91 26.01 1.05
N PRO A 196 -1.10 27.19 0.45
CA PRO A 196 -0.14 27.67 -0.56
C PRO A 196 1.13 28.26 0.02
N GLU A 197 1.36 28.11 1.32
CA GLU A 197 2.50 28.72 1.99
C GLU A 197 3.42 27.64 2.53
N GLY A 198 4.61 27.53 1.93
CA GLY A 198 5.64 26.68 2.48
C GLY A 198 5.72 25.29 1.88
N TYR A 199 6.71 25.05 1.02
CA TYR A 199 6.98 23.73 0.49
C TYR A 199 8.32 23.18 0.97
N TYR A 200 9.42 23.88 0.66
CA TYR A 200 10.76 23.52 1.09
C TYR A 200 11.10 22.07 0.81
N HIS A 201 12.11 21.55 1.52
CA HIS A 201 12.52 20.15 1.50
C HIS A 201 12.64 19.59 0.08
N PRO A 202 13.64 20.00 -0.70
CA PRO A 202 13.85 19.38 -2.01
C PRO A 202 14.09 17.88 -1.86
N LEU A 203 13.51 17.10 -2.76
CA LEU A 203 13.51 15.65 -2.65
C LEU A 203 14.54 15.00 -3.57
N GLY A 204 15.31 15.79 -4.31
CA GLY A 204 16.29 15.23 -5.23
C GLY A 204 16.13 15.74 -6.63
N GLY A 205 15.80 14.87 -7.57
CA GLY A 205 15.67 15.27 -8.95
C GLY A 205 14.27 15.68 -9.34
N GLY A 206 14.01 16.98 -9.34
CA GLY A 206 12.72 17.51 -9.78
C GLY A 206 11.53 17.04 -8.99
N ARG A 207 11.66 16.97 -7.67
CA ARG A 207 10.55 16.58 -6.81
C ARG A 207 10.65 17.32 -5.48
N GLU A 208 9.49 17.52 -4.85
CA GLU A 208 9.42 18.24 -3.58
C GLU A 208 8.40 17.55 -2.68
N VAL A 209 8.28 18.06 -1.46
CA VAL A 209 7.34 17.55 -0.47
C VAL A 209 6.49 18.71 0.02
N TRP A 210 5.17 18.53 -0.03
CA TRP A 210 4.21 19.54 0.41
C TRP A 210 3.42 19.00 1.59
N PHE A 211 3.31 19.81 2.65
CA PHE A 211 2.55 19.43 3.82
C PHE A 211 1.10 19.89 3.69
N GLY A 212 0.26 19.40 4.60
CA GLY A 212 -1.14 19.76 4.60
C GLY A 212 -1.92 19.01 5.66
N PHE A 213 -3.19 18.69 5.36
CA PHE A 213 -3.99 17.88 6.26
C PHE A 213 -5.09 17.19 5.47
N HIS A 214 -5.72 16.20 6.11
CA HIS A 214 -6.74 15.38 5.49
C HIS A 214 -7.98 15.39 6.35
N GLN A 215 -9.15 15.46 5.72
CA GLN A 215 -10.41 15.66 6.43
C GLN A 215 -11.43 14.62 6.01
N SER A 216 -12.24 14.18 6.97
CA SER A 216 -13.31 13.22 6.70
C SER A 216 -14.34 13.31 7.82
N VAL A 217 -15.54 12.79 7.54
CA VAL A 217 -16.69 12.92 8.43
C VAL A 217 -17.19 11.52 8.80
N ARG A 218 -16.27 10.57 8.95
CA ARG A 218 -16.64 9.20 9.25
C ARG A 218 -17.57 9.14 10.46
N PRO A 219 -18.62 8.34 10.42
CA PRO A 219 -19.58 8.30 11.52
C PRO A 219 -19.03 7.55 12.74
N ALA A 220 -19.82 7.57 13.80
CA ALA A 220 -19.46 6.93 15.06
C ALA A 220 -20.74 6.66 15.84
N MET A 221 -20.60 6.33 17.11
CA MET A 221 -21.75 6.05 17.97
C MET A 221 -22.28 7.33 18.57
N TRP A 222 -23.60 7.56 18.41
CA TRP A 222 -24.35 8.63 19.04
C TRP A 222 -24.02 10.00 18.48
N LYS A 223 -23.01 10.08 17.60
CA LYS A 223 -22.56 11.36 17.08
C LYS A 223 -21.81 11.12 15.78
N MET A 224 -21.66 12.19 15.01
CA MET A 224 -20.73 12.22 13.90
C MET A 224 -19.41 12.83 14.37
N MET A 225 -18.31 12.39 13.78
CA MET A 225 -17.00 12.83 14.21
C MET A 225 -16.16 13.22 13.01
N LEU A 226 -15.30 14.21 13.20
CA LEU A 226 -14.47 14.75 12.14
C LEU A 226 -13.05 14.22 12.30
N ASN A 227 -12.50 13.69 11.21
CA ASN A 227 -11.19 13.07 11.21
C ASN A 227 -10.16 14.05 10.63
N ILE A 228 -9.18 14.42 11.44
CA ILE A 228 -8.11 15.33 11.03
C ILE A 228 -6.78 14.62 11.21
N ASP A 229 -5.88 14.83 10.26
CA ASP A 229 -4.58 14.16 10.28
C ASP A 229 -3.62 14.89 9.36
N VAL A 230 -2.35 14.95 9.78
CA VAL A 230 -1.31 15.59 8.99
C VAL A 230 -0.84 14.60 7.93
N SER A 231 -0.65 15.09 6.70
CA SER A 231 -0.21 14.25 5.59
C SER A 231 0.77 15.04 4.73
N ALA A 232 1.59 14.31 3.99
CA ALA A 232 2.56 14.89 3.07
C ALA A 232 2.47 14.19 1.73
N THR A 233 2.74 14.94 0.66
CA THR A 233 2.66 14.43 -0.70
C THR A 233 3.90 14.80 -1.49
N ALA A 234 3.89 14.53 -2.80
CA ALA A 234 5.02 14.84 -3.67
C ALA A 234 4.52 15.51 -4.94
N PHE A 235 5.19 16.58 -5.36
CA PHE A 235 4.84 17.31 -6.58
C PHE A 235 6.06 17.54 -7.45
N TYR A 236 5.91 18.35 -8.49
CA TYR A 236 7.00 18.70 -9.39
C TYR A 236 7.35 20.18 -9.22
N LYS A 237 8.63 20.45 -9.00
CA LYS A 237 9.10 21.83 -8.96
C LYS A 237 8.98 22.49 -10.33
N ALA A 238 8.73 23.80 -10.31
CA ALA A 238 8.27 24.56 -11.46
C ALA A 238 9.37 25.42 -12.07
N GLN A 239 10.58 24.88 -12.21
CA GLN A 239 11.69 25.62 -12.79
C GLN A 239 11.73 25.46 -14.30
N PRO A 240 12.48 26.31 -15.00
CA PRO A 240 12.67 26.12 -16.44
C PRO A 240 13.25 24.76 -16.79
N VAL A 241 12.79 24.24 -17.94
CA VAL A 241 13.05 22.85 -18.31
C VAL A 241 14.52 22.60 -18.62
N ILE A 242 15.28 23.62 -19.04
CA ILE A 242 16.70 23.39 -19.34
C ILE A 242 17.44 22.94 -18.08
N GLU A 243 17.29 23.68 -16.98
CA GLU A 243 17.94 23.21 -15.76
C GLU A 243 17.15 22.10 -15.09
N PHE A 244 15.88 21.91 -15.42
CA PHE A 244 15.19 20.70 -14.97
C PHE A 244 15.88 19.46 -15.53
N MET A 245 16.18 19.46 -16.83
CA MET A 245 16.91 18.35 -17.44
C MET A 245 18.33 18.26 -16.89
N CYS A 246 18.99 19.41 -16.73
CA CYS A 246 20.33 19.42 -16.16
C CYS A 246 20.35 18.79 -14.77
N GLU A 247 19.33 19.06 -13.97
CA GLU A 247 19.26 18.49 -12.62
C GLU A 247 18.95 17.00 -12.66
N VAL A 248 17.99 16.60 -13.51
CA VAL A 248 17.62 15.18 -13.52
C VAL A 248 18.75 14.32 -14.06
N LEU A 249 19.60 14.88 -14.93
CA LEU A 249 20.75 14.13 -15.43
C LEU A 249 22.04 14.42 -14.65
N ASP A 250 22.03 15.37 -13.72
CA ASP A 250 23.21 15.73 -12.94
C ASP A 250 24.39 16.06 -13.88
N ILE A 251 24.09 16.77 -14.95
CA ILE A 251 25.06 17.00 -16.03
C ILE A 251 25.24 18.50 -16.24
N ARG A 252 25.16 19.28 -15.16
CA ARG A 252 25.21 20.73 -15.27
C ARG A 252 26.46 21.21 -16.00
N ASN A 253 27.56 20.46 -15.93
CA ASN A 253 28.76 20.78 -16.69
C ASN A 253 28.71 20.14 -18.08
N ILE A 254 27.71 20.56 -18.85
CA ILE A 254 27.52 20.02 -20.19
C ILE A 254 28.24 20.84 -21.26
N ASP A 255 28.65 22.07 -20.94
CA ASP A 255 29.35 22.89 -21.92
C ASP A 255 30.67 22.25 -22.34
N GLU A 256 31.27 21.43 -21.48
CA GLU A 256 32.50 20.75 -21.84
C GLU A 256 32.27 19.69 -22.90
N GLN A 257 31.08 19.10 -22.94
CA GLN A 257 30.72 18.07 -23.92
C GLN A 257 29.43 18.48 -24.62
N PRO A 258 29.51 19.39 -25.61
CA PRO A 258 28.33 19.88 -26.32
C PRO A 258 27.84 18.92 -27.41
N LYS A 259 27.73 17.64 -27.08
CA LYS A 259 27.21 16.67 -28.02
C LYS A 259 25.70 16.79 -28.14
N PRO A 260 25.14 16.50 -29.32
CA PRO A 260 23.68 16.63 -29.49
C PRO A 260 22.86 15.76 -28.54
N LEU A 261 23.35 14.57 -28.20
CA LEU A 261 22.58 13.67 -27.35
C LEU A 261 23.53 12.79 -26.55
N THR A 262 23.03 12.28 -25.43
CA THR A 262 23.77 11.29 -24.65
C THR A 262 23.74 9.92 -25.30
N ASP A 263 22.62 9.58 -25.95
CA ASP A 263 22.42 8.32 -26.67
C ASP A 263 22.44 7.10 -25.76
N SER A 264 22.39 7.30 -24.45
CA SER A 264 22.34 6.20 -23.50
C SER A 264 21.19 6.32 -22.51
N GLN A 265 20.87 7.53 -22.06
CA GLN A 265 19.77 7.77 -21.13
C GLN A 265 18.63 8.54 -21.79
N ARG A 266 18.61 8.57 -23.13
CA ARG A 266 17.52 9.25 -23.84
C ARG A 266 16.18 8.58 -23.56
N VAL A 267 16.19 7.25 -23.42
CA VAL A 267 14.95 6.53 -23.14
C VAL A 267 14.35 6.98 -21.81
N ARG A 268 15.18 7.06 -20.77
CA ARG A 268 14.68 7.49 -19.48
C ARG A 268 14.31 8.97 -19.49
N PHE A 269 15.05 9.80 -20.23
CA PHE A 269 14.68 11.20 -20.33
C PHE A 269 13.32 11.36 -20.99
N THR A 270 13.06 10.60 -22.05
CA THR A 270 11.76 10.67 -22.72
C THR A 270 10.65 10.15 -21.80
N LYS A 271 10.89 9.03 -21.11
CA LYS A 271 9.87 8.50 -20.21
C LYS A 271 9.63 9.42 -19.02
N GLU A 272 10.59 10.29 -18.69
CA GLU A 272 10.37 11.26 -17.63
C GLU A 272 9.59 12.47 -18.13
N ILE A 273 10.01 13.05 -19.25
CA ILE A 273 9.38 14.28 -19.73
C ILE A 273 7.97 13.99 -20.22
N LYS A 274 7.74 12.83 -20.84
CA LYS A 274 6.44 12.50 -21.40
C LYS A 274 5.37 12.44 -20.31
N GLY A 275 4.24 13.07 -20.57
CA GLY A 275 3.14 13.10 -19.63
C GLY A 275 3.02 14.36 -18.79
N LEU A 276 3.72 15.44 -19.15
CA LEU A 276 3.69 16.67 -18.38
C LEU A 276 3.25 17.83 -19.26
N LYS A 277 2.68 18.85 -18.62
CA LYS A 277 2.15 20.02 -19.29
C LYS A 277 3.14 21.18 -19.19
N VAL A 278 3.26 21.93 -20.27
CA VAL A 278 4.20 23.03 -20.34
C VAL A 278 3.47 24.35 -20.12
N GLU A 279 4.23 25.40 -19.87
CA GLU A 279 3.69 26.73 -19.54
C GLU A 279 4.40 27.80 -20.35
N VAL A 280 4.50 27.61 -21.67
CA VAL A 280 5.18 28.59 -22.51
C VAL A 280 4.50 29.94 -22.40
N THR A 281 5.32 31.00 -22.32
CA THR A 281 4.82 32.36 -22.18
C THR A 281 5.27 33.27 -23.31
N HIS A 282 5.96 32.75 -24.32
CA HIS A 282 6.40 33.57 -25.44
C HIS A 282 5.23 34.02 -26.30
N CYS A 283 4.09 33.32 -26.24
CA CYS A 283 2.92 33.66 -27.03
C CYS A 283 1.94 34.57 -26.29
N GLY A 284 2.30 35.03 -25.09
CA GLY A 284 1.43 35.92 -24.34
C GLY A 284 0.50 35.18 -23.39
N GLN A 285 1.07 34.33 -22.53
CA GLN A 285 0.31 33.55 -21.56
C GLN A 285 -0.74 32.67 -22.26
N MET A 286 -0.37 32.14 -23.43
CA MET A 286 -1.30 31.35 -24.23
C MET A 286 -1.66 30.02 -23.57
N LYS A 287 -0.80 29.51 -22.68
CA LYS A 287 -1.07 28.29 -21.91
C LYS A 287 -1.29 27.09 -22.85
N ARG A 288 -0.22 26.73 -23.56
CA ARG A 288 -0.22 25.54 -24.41
C ARG A 288 -0.18 24.32 -23.52
N LYS A 289 -1.34 23.99 -22.94
CA LYS A 289 -1.44 22.88 -22.01
C LYS A 289 -1.61 21.56 -22.74
N TYR A 290 -0.69 21.27 -23.67
CA TYR A 290 -0.72 20.04 -24.44
C TYR A 290 0.29 19.06 -23.87
N ARG A 291 -0.19 17.90 -23.44
CA ARG A 291 0.68 16.86 -22.92
C ARG A 291 1.69 16.42 -23.97
N VAL A 292 2.96 16.35 -23.58
CA VAL A 292 4.03 16.04 -24.51
C VAL A 292 4.11 14.53 -24.74
N CYS A 293 3.42 14.05 -25.77
CA CYS A 293 3.40 12.62 -26.04
C CYS A 293 4.71 12.15 -26.66
N ASN A 294 5.24 12.89 -27.62
CA ASN A 294 6.41 12.47 -28.37
C ASN A 294 7.43 13.60 -28.46
N VAL A 295 8.70 13.22 -28.43
CA VAL A 295 9.81 14.17 -28.53
C VAL A 295 10.84 13.60 -29.50
N THR A 296 11.32 14.44 -30.41
CA THR A 296 12.36 14.04 -31.34
C THR A 296 13.73 14.22 -30.70
N ARG A 297 14.74 13.60 -31.33
CA ARG A 297 16.10 13.68 -30.84
C ARG A 297 17.06 14.39 -31.77
N ARG A 298 16.65 14.70 -33.01
CA ARG A 298 17.52 15.45 -33.90
C ARG A 298 17.65 16.89 -33.42
N PRO A 299 18.82 17.51 -33.63
CA PRO A 299 19.02 18.89 -33.18
C PRO A 299 18.20 19.89 -33.99
N ALA A 300 18.12 21.13 -33.51
CA ALA A 300 17.38 22.16 -34.23
C ALA A 300 18.01 22.43 -35.58
N SER A 301 19.31 22.20 -35.71
CA SER A 301 19.97 22.34 -37.01
C SER A 301 19.42 21.33 -38.02
N HIS A 302 19.20 20.10 -37.57
CA HIS A 302 18.69 19.04 -38.44
C HIS A 302 17.18 18.89 -38.40
N GLN A 303 16.47 19.73 -37.65
CA GLN A 303 15.03 19.65 -37.58
C GLN A 303 14.41 20.38 -38.76
N THR A 304 13.71 19.65 -39.62
CA THR A 304 13.12 20.20 -40.83
C THR A 304 11.61 20.00 -40.81
N PHE A 305 10.87 21.06 -41.16
CA PHE A 305 9.42 21.01 -41.24
C PHE A 305 8.93 22.20 -42.05
N PRO A 306 7.92 22.03 -42.91
CA PRO A 306 7.38 23.14 -43.71
C PRO A 306 6.45 24.03 -42.90
N CYS A 317 13.12 25.03 -43.41
CA CYS A 317 12.89 26.03 -42.38
C CYS A 317 12.85 25.39 -41.00
N THR A 318 13.88 25.63 -40.20
CA THR A 318 13.99 25.08 -38.86
C THR A 318 13.26 25.98 -37.86
N VAL A 319 13.29 25.54 -36.60
CA VAL A 319 12.69 26.34 -35.54
C VAL A 319 13.43 27.67 -35.38
N ALA A 320 14.77 27.63 -35.50
CA ALA A 320 15.55 28.87 -35.43
C ALA A 320 15.20 29.81 -36.58
N GLN A 321 15.11 29.27 -37.80
CA GLN A 321 14.78 30.11 -38.95
C GLN A 321 13.37 30.66 -38.84
N TYR A 322 12.41 29.83 -38.43
CA TYR A 322 11.03 30.30 -38.28
C TYR A 322 10.93 31.37 -37.20
N PHE A 323 11.61 31.16 -36.07
CA PHE A 323 11.61 32.17 -35.01
C PHE A 323 12.25 33.46 -35.46
N LYS A 324 13.34 33.37 -36.23
CA LYS A 324 13.95 34.58 -36.77
C LYS A 324 12.97 35.32 -37.67
N GLN A 325 12.40 34.62 -38.65
CA GLN A 325 11.47 35.24 -39.59
C GLN A 325 10.22 35.78 -38.90
N LYS A 326 9.86 35.25 -37.73
CA LYS A 326 8.65 35.68 -37.05
C LYS A 326 8.92 36.83 -36.07
N TYR A 327 9.79 36.62 -35.09
CA TYR A 327 10.01 37.57 -34.02
C TYR A 327 11.37 38.23 -34.04
N ASN A 328 12.31 37.76 -34.87
CA ASN A 328 13.69 38.23 -34.87
C ASN A 328 14.34 38.00 -33.50
N LEU A 329 14.40 36.73 -33.09
CA LEU A 329 15.01 36.32 -31.83
C LEU A 329 16.00 35.20 -32.10
N GLN A 330 17.16 35.26 -31.45
CA GLN A 330 18.23 34.29 -31.64
C GLN A 330 18.20 33.26 -30.52
N LEU A 331 18.37 31.99 -30.89
CA LEU A 331 18.38 30.89 -29.93
C LEU A 331 19.81 30.62 -29.48
N LYS A 332 20.03 30.56 -28.18
CA LYS A 332 21.38 30.39 -27.63
C LYS A 332 21.87 28.96 -27.76
N TYR A 333 21.00 27.97 -27.66
CA TYR A 333 21.38 26.56 -27.67
C TYR A 333 20.66 25.85 -28.81
N PRO A 334 21.24 25.85 -30.01
CA PRO A 334 20.60 25.17 -31.14
C PRO A 334 20.82 23.66 -31.13
N HIS A 335 21.95 23.22 -30.57
CA HIS A 335 22.27 21.80 -30.60
C HIS A 335 21.41 20.96 -29.68
N LEU A 336 20.60 21.57 -28.82
CA LEU A 336 19.67 20.83 -28.00
C LEU A 336 18.53 20.28 -28.87
N PRO A 337 17.89 19.19 -28.44
CA PRO A 337 16.72 18.70 -29.18
C PRO A 337 15.51 19.60 -29.03
N CYS A 338 14.38 19.22 -29.63
CA CYS A 338 13.18 20.04 -29.62
C CYS A 338 11.99 19.21 -29.13
N LEU A 339 11.01 19.91 -28.58
CA LEU A 339 9.78 19.29 -28.07
C LEU A 339 8.68 19.43 -29.10
N GLN A 340 7.97 18.33 -29.36
CA GLN A 340 6.91 18.28 -30.36
C GLN A 340 5.58 18.05 -29.67
N VAL A 341 4.60 18.92 -29.96
CA VAL A 341 3.28 18.85 -29.35
C VAL A 341 2.22 18.91 -30.44
N GLY A 342 1.06 18.33 -30.14
CA GLY A 342 -0.04 18.31 -31.09
C GLY A 342 0.07 17.17 -32.08
N GLN A 343 -0.86 17.17 -33.02
CA GLN A 343 -0.90 16.15 -34.06
C GLN A 343 0.25 16.34 -35.04
N GLU A 344 0.58 15.26 -35.74
CA GLU A 344 1.67 15.31 -36.72
C GLU A 344 1.35 16.25 -37.87
N GLN A 345 0.08 16.31 -38.27
CA GLN A 345 -0.32 17.27 -39.30
C GLN A 345 -0.14 18.70 -38.81
N LYS A 346 -0.44 18.96 -37.53
CA LYS A 346 -0.20 20.27 -36.96
C LYS A 346 1.29 20.59 -36.88
N HIS A 347 2.10 19.60 -36.53
CA HIS A 347 3.55 19.71 -36.35
C HIS A 347 3.93 21.01 -35.62
N THR A 348 3.37 21.15 -34.42
CA THR A 348 3.69 22.27 -33.55
C THR A 348 4.92 21.90 -32.71
N TYR A 349 5.98 22.69 -32.84
CA TYR A 349 7.26 22.40 -32.21
C TYR A 349 7.52 23.34 -31.04
N LEU A 350 8.36 22.89 -30.11
CA LEU A 350 8.77 23.69 -28.98
C LEU A 350 10.25 23.50 -28.69
N PRO A 351 11.09 24.51 -28.90
CA PRO A 351 12.48 24.42 -28.46
C PRO A 351 12.57 24.34 -26.94
N LEU A 352 13.64 23.70 -26.47
CA LEU A 352 13.79 23.44 -25.05
C LEU A 352 14.18 24.67 -24.24
N GLU A 353 14.54 25.78 -24.88
CA GLU A 353 15.06 26.93 -24.17
C GLU A 353 14.01 27.95 -23.77
N VAL A 354 12.78 27.85 -24.29
CA VAL A 354 11.76 28.85 -24.02
C VAL A 354 10.54 28.19 -23.38
N CYS A 355 10.75 27.13 -22.61
CA CYS A 355 9.67 26.37 -22.01
C CYS A 355 9.83 26.29 -20.51
N ASN A 356 8.71 26.09 -19.81
CA ASN A 356 8.71 25.95 -18.36
C ASN A 356 7.82 24.80 -17.92
N ILE A 357 7.61 24.65 -16.62
CA ILE A 357 6.81 23.57 -16.05
C ILE A 357 5.66 24.19 -15.24
N VAL A 358 4.46 23.66 -15.43
CA VAL A 358 3.29 24.17 -14.72
C VAL A 358 3.32 23.67 -13.28
N ALA A 359 3.08 24.57 -12.34
CA ALA A 359 3.00 24.18 -10.94
C ALA A 359 1.69 23.47 -10.65
N GLY A 360 1.74 22.50 -9.73
CA GLY A 360 0.55 21.81 -9.30
C GLY A 360 0.24 20.53 -10.05
N GLN A 361 1.23 19.66 -10.18
CA GLN A 361 1.08 18.38 -10.85
C GLN A 361 1.57 17.27 -9.93
N ARG A 362 0.77 16.22 -9.79
CA ARG A 362 1.13 15.10 -8.94
C ARG A 362 2.06 14.14 -9.67
N CYS A 363 2.64 13.21 -8.90
CA CYS A 363 3.52 12.18 -9.44
C CYS A 363 2.89 10.81 -9.26
N ILE A 364 3.00 9.96 -10.28
CA ILE A 364 2.40 8.64 -10.26
C ILE A 364 3.47 7.58 -10.45
N LYS A 365 4.56 7.94 -11.12
CA LYS A 365 5.59 6.97 -11.46
C LYS A 365 6.38 6.55 -10.23
N LYS A 366 7.25 5.56 -10.42
CA LYS A 366 8.05 5.03 -9.34
C LYS A 366 9.12 6.01 -8.90
N LEU A 367 9.78 5.70 -7.78
CA LEU A 367 10.80 6.54 -7.20
C LEU A 367 12.13 5.79 -7.14
N THR A 368 13.11 6.41 -6.50
CA THR A 368 14.44 5.84 -6.32
C THR A 368 14.69 5.63 -4.83
N ASP A 369 15.60 4.72 -4.50
CA ASP A 369 15.82 4.33 -3.11
C ASP A 369 16.29 5.50 -2.26
N ASN A 370 17.24 6.29 -2.78
CA ASN A 370 17.73 7.43 -2.02
C ASN A 370 16.64 8.49 -1.84
N GLN A 371 15.81 8.69 -2.88
CA GLN A 371 14.69 9.62 -2.75
C GLN A 371 13.71 9.15 -1.68
N THR A 372 13.41 7.86 -1.64
CA THR A 372 12.53 7.33 -0.61
C THR A 372 13.14 7.52 0.78
N SER A 373 14.45 7.25 0.90
CA SER A 373 15.11 7.38 2.20
C SER A 373 15.08 8.83 2.69
N THR A 374 15.38 9.79 1.80
CA THR A 374 15.38 11.18 2.22
C THR A 374 13.96 11.69 2.49
N MET A 375 12.96 11.17 1.76
CA MET A 375 11.58 11.53 2.06
C MET A 375 11.19 11.04 3.46
N ILE A 376 11.54 9.79 3.78
CA ILE A 376 11.22 9.24 5.10
C ILE A 376 11.93 10.05 6.18
N LYS A 377 13.20 10.39 5.96
CA LYS A 377 13.93 11.20 6.92
C LYS A 377 13.28 12.56 7.12
N ALA A 378 12.82 13.18 6.03
CA ALA A 378 12.21 14.50 6.13
C ALA A 378 10.89 14.46 6.88
N THR A 379 10.06 13.44 6.64
CA THR A 379 8.70 13.42 7.18
C THR A 379 8.53 12.44 8.35
N ALA A 380 9.63 11.99 8.96
CA ALA A 380 9.53 11.03 10.06
C ALA A 380 8.76 11.58 11.27
N ARG A 381 9.31 12.59 11.93
CA ARG A 381 8.72 13.17 13.15
C ARG A 381 8.48 12.13 14.23
N SER A 382 7.63 12.45 15.20
CA SER A 382 7.36 11.58 16.33
C SER A 382 6.00 11.93 16.93
N ALA A 383 5.59 11.12 17.92
CA ALA A 383 4.23 11.21 18.45
C ALA A 383 3.93 12.53 19.15
N PRO A 384 4.74 13.03 20.09
CA PRO A 384 4.39 14.31 20.72
C PRO A 384 4.32 15.47 19.75
N ASP A 385 5.24 15.52 18.78
CA ASP A 385 5.20 16.57 17.77
C ASP A 385 3.95 16.46 16.91
N ARG A 386 3.58 15.23 16.53
CA ARG A 386 2.37 15.04 15.75
C ARG A 386 1.14 15.51 16.52
N GLN A 387 1.06 15.16 17.80
CA GLN A 387 -0.07 15.57 18.62
C GLN A 387 -0.15 17.08 18.73
N GLU A 388 1.00 17.74 18.98
CA GLU A 388 1.01 19.19 19.10
C GLU A 388 0.58 19.85 17.80
N GLU A 389 1.06 19.35 16.67
CA GLU A 389 0.69 19.95 15.39
C GLU A 389 -0.80 19.76 15.10
N ILE A 390 -1.34 18.59 15.40
CA ILE A 390 -2.77 18.36 15.18
C ILE A 390 -3.60 19.33 16.02
N SER A 391 -3.23 19.48 17.30
CA SER A 391 -3.98 20.39 18.16
C SER A 391 -3.87 21.83 17.68
N ARG A 392 -2.68 22.24 17.23
CA ARG A 392 -2.52 23.60 16.73
C ARG A 392 -3.38 23.85 15.50
N LEU A 393 -3.38 22.91 14.55
CA LEU A 393 -4.21 23.07 13.35
C LEU A 393 -5.69 23.15 13.70
N MET A 394 -6.14 22.27 14.61
CA MET A 394 -7.56 22.28 14.97
C MET A 394 -7.94 23.58 15.66
N LYS A 395 -7.09 24.10 16.53
CA LYS A 395 -7.39 25.37 17.20
C LYS A 395 -7.35 26.54 16.23
N ASN A 396 -6.47 26.48 15.22
CA ASN A 396 -6.39 27.57 14.26
C ASN A 396 -7.52 27.54 13.24
N ALA A 397 -8.12 26.37 13.01
CA ALA A 397 -9.14 26.26 11.97
C ALA A 397 -10.33 27.19 12.23
N SER A 398 -10.84 27.19 13.47
CA SER A 398 -11.94 28.08 13.88
C SER A 398 -13.18 27.86 13.00
N TYR A 399 -13.71 26.64 13.10
CA TYR A 399 -14.89 26.26 12.33
C TYR A 399 -16.17 26.92 12.84
N ASN A 400 -16.14 27.58 13.99
CA ASN A 400 -17.33 28.19 14.56
C ASN A 400 -17.53 29.64 14.13
N LEU A 401 -16.70 30.16 13.23
CA LEU A 401 -16.85 31.50 12.68
C LEU A 401 -16.86 31.46 11.16
N ASP A 402 -17.60 30.50 10.61
CA ASP A 402 -17.72 30.28 9.18
C ASP A 402 -19.12 30.61 8.73
N PRO A 403 -19.30 31.45 7.71
CA PRO A 403 -20.67 31.82 7.28
C PRO A 403 -21.53 30.63 6.89
N TYR A 404 -20.99 29.64 6.18
CA TYR A 404 -21.82 28.54 5.71
C TYR A 404 -22.26 27.65 6.87
N ILE A 405 -21.32 27.25 7.73
CA ILE A 405 -21.65 26.41 8.86
C ILE A 405 -22.57 27.14 9.83
N GLN A 406 -22.36 28.45 9.98
CA GLN A 406 -23.27 29.25 10.81
C GLN A 406 -24.68 29.28 10.21
N GLU A 407 -24.77 29.39 8.88
CA GLU A 407 -26.07 29.39 8.22
C GLU A 407 -26.79 28.07 8.41
N PHE A 408 -26.08 26.95 8.28
CA PHE A 408 -26.74 25.65 8.44
C PHE A 408 -27.06 25.36 9.90
N GLY A 409 -26.16 25.73 10.81
CA GLY A 409 -26.41 25.51 12.22
C GLY A 409 -25.67 24.32 12.80
N ILE A 410 -24.40 24.16 12.43
CA ILE A 410 -23.57 23.05 12.89
C ILE A 410 -22.62 23.57 13.96
N LYS A 411 -22.33 22.73 14.95
CA LYS A 411 -21.41 23.06 16.03
C LYS A 411 -20.38 21.95 16.18
N VAL A 412 -19.12 22.35 16.37
CA VAL A 412 -18.00 21.41 16.44
C VAL A 412 -17.20 21.70 17.70
N LYS A 413 -16.66 20.64 18.31
CA LYS A 413 -15.95 20.75 19.58
C LYS A 413 -14.51 21.20 19.33
N ASP A 414 -13.68 21.13 20.38
CA ASP A 414 -12.31 21.63 20.33
C ASP A 414 -11.27 20.66 20.86
N ASP A 415 -11.64 19.67 21.67
CA ASP A 415 -10.68 18.77 22.30
C ASP A 415 -10.82 17.37 21.74
N MET A 416 -9.73 16.60 21.86
CA MET A 416 -9.70 15.24 21.35
C MET A 416 -10.60 14.32 22.17
N THR A 417 -11.02 13.24 21.53
CA THR A 417 -11.91 12.27 22.18
C THR A 417 -11.14 11.39 23.14
N GLU A 418 -11.82 10.95 24.20
CA GLU A 418 -11.23 10.09 25.22
C GLU A 418 -11.71 8.65 25.02
N VAL A 419 -10.76 7.71 24.95
CA VAL A 419 -11.06 6.30 24.82
C VAL A 419 -10.29 5.54 25.89
N THR A 420 -10.74 4.32 26.16
CA THR A 420 -10.16 3.49 27.22
C THR A 420 -10.01 2.07 26.69
N GLY A 421 -8.81 1.74 26.21
CA GLY A 421 -8.51 0.42 25.70
C GLY A 421 -8.02 -0.53 26.76
N ARG A 422 -7.36 -1.60 26.32
CA ARG A 422 -6.81 -2.59 27.22
C ARG A 422 -5.68 -3.33 26.53
N VAL A 423 -4.86 -4.00 27.33
CA VAL A 423 -3.65 -4.67 26.85
C VAL A 423 -3.80 -6.16 27.09
N LEU A 424 -3.68 -6.95 26.01
CA LEU A 424 -3.80 -8.40 26.03
C LEU A 424 -2.48 -9.05 26.43
N PRO A 425 -2.54 -10.20 27.12
CA PRO A 425 -1.30 -10.91 27.47
C PRO A 425 -0.66 -11.55 26.26
N ALA A 426 0.67 -11.77 26.36
CA ALA A 426 1.46 -12.35 25.29
C ALA A 426 1.67 -13.85 25.51
N PRO A 427 1.74 -14.63 24.44
CA PRO A 427 1.93 -16.08 24.57
C PRO A 427 3.39 -16.42 24.84
N ILE A 428 3.65 -17.72 24.97
CA ILE A 428 4.99 -18.23 25.19
C ILE A 428 5.28 -19.27 24.12
N LEU A 429 6.57 -19.44 23.81
CA LEU A 429 7.01 -20.28 22.71
C LEU A 429 7.85 -21.44 23.22
N GLN A 430 7.79 -22.55 22.50
CA GLN A 430 8.45 -23.80 22.88
C GLN A 430 9.57 -24.11 21.89
N TYR A 431 10.77 -24.34 22.42
CA TYR A 431 11.91 -24.77 21.62
C TYR A 431 12.21 -26.24 21.93
N GLY A 432 13.28 -26.74 21.32
CA GLY A 432 13.63 -28.15 21.49
C GLY A 432 15.08 -28.36 21.89
N GLY A 433 15.59 -29.55 21.59
CA GLY A 433 16.97 -29.88 21.92
C GLY A 433 17.11 -30.62 23.23
N ARG A 434 18.24 -30.40 23.91
CA ARG A 434 18.48 -31.07 25.19
C ARG A 434 17.48 -30.62 26.25
N ASN A 435 17.16 -29.33 26.27
CA ASN A 435 16.21 -28.77 27.23
C ASN A 435 15.12 -28.01 26.50
N ARG A 436 13.99 -27.82 27.19
CA ARG A 436 12.83 -27.18 26.57
C ARG A 436 13.17 -25.74 26.17
N ALA A 437 13.70 -24.96 27.10
CA ALA A 437 14.13 -23.58 26.85
C ALA A 437 12.99 -22.74 26.27
N ILE A 438 11.93 -22.58 27.07
CA ILE A 438 10.82 -21.75 26.64
C ILE A 438 11.26 -20.28 26.62
N ALA A 439 10.57 -19.50 25.80
CA ALA A 439 10.87 -18.08 25.62
C ALA A 439 9.65 -17.24 25.96
N THR A 440 9.87 -16.13 26.65
CA THR A 440 8.81 -15.20 27.02
C THR A 440 9.10 -13.84 26.41
N PRO A 441 8.33 -13.39 25.43
CA PRO A 441 8.61 -12.09 24.81
C PRO A 441 8.44 -10.95 25.81
N ASN A 442 9.31 -9.94 25.67
CA ASN A 442 9.29 -8.75 26.52
C ASN A 442 9.33 -7.53 25.62
N GLN A 443 8.26 -6.74 25.66
CA GLN A 443 8.10 -5.57 24.79
C GLN A 443 8.18 -5.97 23.33
N GLY A 444 7.64 -7.14 23.00
CA GLY A 444 7.50 -7.59 21.63
C GLY A 444 8.74 -8.21 21.01
N VAL A 445 9.82 -8.40 21.77
CA VAL A 445 11.06 -8.97 21.25
C VAL A 445 11.58 -10.00 22.23
N TRP A 446 12.08 -11.12 21.70
CA TRP A 446 12.78 -12.14 22.47
C TRP A 446 14.08 -12.48 21.77
N ASP A 447 14.86 -13.38 22.37
CA ASP A 447 16.17 -13.74 21.85
C ASP A 447 16.32 -15.25 21.81
N MET A 448 17.28 -15.70 21.00
CA MET A 448 17.48 -17.12 20.73
C MET A 448 18.77 -17.68 21.30
N ARG A 449 19.71 -16.83 21.74
CA ARG A 449 21.00 -17.31 22.21
C ARG A 449 20.82 -18.30 23.36
N GLY A 450 21.42 -19.47 23.22
CA GLY A 450 21.30 -20.53 24.20
C GLY A 450 20.23 -21.56 23.95
N LYS A 451 19.59 -21.53 22.78
CA LYS A 451 18.50 -22.44 22.46
C LYS A 451 18.73 -23.08 21.11
N GLN A 452 18.19 -24.29 20.94
CA GLN A 452 18.30 -25.05 19.71
C GLN A 452 16.93 -25.18 19.04
N PHE A 453 16.95 -25.45 17.75
CA PHE A 453 15.73 -25.53 16.96
C PHE A 453 14.86 -26.69 17.42
N TYR A 454 13.60 -26.67 16.97
CA TYR A 454 12.67 -27.74 17.31
C TYR A 454 12.95 -29.00 16.51
N ASN A 455 13.41 -28.86 15.25
CA ASN A 455 13.70 -30.02 14.40
C ASN A 455 14.85 -29.61 13.47
N GLY A 456 16.07 -29.97 13.87
CA GLY A 456 17.23 -29.64 13.06
C GLY A 456 17.34 -30.51 11.82
N ILE A 457 18.08 -29.99 10.84
CA ILE A 457 18.30 -30.69 9.57
C ILE A 457 19.79 -30.73 9.32
N GLU A 458 20.40 -31.91 9.46
CA GLU A 458 21.82 -32.05 9.19
C GLU A 458 22.10 -31.87 7.71
N ILE A 459 23.19 -31.16 7.41
CA ILE A 459 23.62 -30.90 6.04
C ILE A 459 24.89 -31.69 5.78
N LYS A 460 24.90 -32.42 4.67
CA LYS A 460 26.05 -33.26 4.33
C LYS A 460 26.69 -32.87 3.01
N VAL A 461 25.92 -32.42 2.03
CA VAL A 461 26.44 -32.01 0.73
C VAL A 461 25.97 -30.60 0.44
N TRP A 462 26.90 -29.71 0.09
CA TRP A 462 26.56 -28.34 -0.25
C TRP A 462 27.65 -27.77 -1.15
N ALA A 463 27.30 -26.71 -1.86
CA ALA A 463 28.22 -26.06 -2.78
C ALA A 463 28.16 -24.56 -2.60
N ILE A 464 29.05 -23.85 -3.30
CA ILE A 464 29.13 -22.39 -3.23
C ILE A 464 29.47 -21.86 -4.62
N ALA A 465 28.69 -20.90 -5.10
CA ALA A 465 28.98 -20.18 -6.33
C ALA A 465 29.27 -18.73 -5.99
N CYS A 466 30.39 -18.21 -6.49
CA CYS A 466 30.91 -16.93 -6.02
C CYS A 466 30.30 -15.74 -6.75
N PHE A 467 30.49 -15.67 -8.08
CA PHE A 467 30.26 -14.45 -8.84
C PHE A 467 31.12 -13.32 -8.25
N ALA A 468 30.87 -12.09 -8.70
CA ALA A 468 31.58 -10.89 -8.24
C ALA A 468 33.06 -10.93 -8.58
N PRO A 469 33.72 -9.77 -8.70
CA PRO A 469 35.15 -9.79 -9.02
C PRO A 469 35.96 -10.42 -7.89
N GLN A 470 37.11 -10.99 -8.26
CA GLN A 470 38.00 -11.62 -7.29
C GLN A 470 38.62 -10.62 -6.33
N LYS A 471 38.59 -9.33 -6.64
CA LYS A 471 39.25 -8.34 -5.79
C LYS A 471 38.64 -8.29 -4.40
N GLN A 472 37.30 -8.29 -4.31
CA GLN A 472 36.63 -8.13 -3.03
C GLN A 472 36.52 -9.43 -2.26
N CYS A 473 36.69 -10.58 -2.90
CA CYS A 473 36.67 -11.88 -2.22
C CYS A 473 37.62 -12.80 -3.00
N ARG A 474 38.78 -13.09 -2.43
CA ARG A 474 39.75 -13.90 -3.15
C ARG A 474 39.99 -15.26 -2.50
N GLU A 475 40.57 -15.31 -1.30
CA GLU A 475 40.69 -16.56 -0.56
C GLU A 475 40.47 -16.42 0.95
N GLU A 476 40.68 -15.24 1.54
CA GLU A 476 40.72 -15.11 2.99
C GLU A 476 39.33 -14.93 3.59
N VAL A 477 38.49 -14.10 2.96
CA VAL A 477 37.19 -13.80 3.54
C VAL A 477 36.30 -15.03 3.55
N LEU A 478 36.38 -15.84 2.48
CA LEU A 478 35.52 -17.01 2.37
C LEU A 478 35.79 -18.02 3.48
N LYS A 479 37.05 -18.20 3.85
CA LYS A 479 37.39 -19.17 4.90
C LYS A 479 36.77 -18.76 6.23
N ASN A 480 36.91 -17.47 6.60
CA ASN A 480 36.29 -16.98 7.82
C ASN A 480 34.77 -17.10 7.76
N PHE A 481 34.19 -16.75 6.61
CA PHE A 481 32.74 -16.87 6.46
C PHE A 481 32.28 -18.29 6.71
N THR A 482 32.92 -19.27 6.06
CA THR A 482 32.52 -20.66 6.23
C THR A 482 32.73 -21.15 7.65
N ASP A 483 33.87 -20.79 8.27
CA ASP A 483 34.13 -21.24 9.63
C ASP A 483 33.12 -20.69 10.62
N GLN A 484 32.78 -19.40 10.49
CA GLN A 484 31.82 -18.80 11.41
C GLN A 484 30.42 -19.34 11.17
N LEU A 485 30.05 -19.60 9.91
CA LEU A 485 28.76 -20.25 9.64
C LEU A 485 28.70 -21.61 10.30
N ARG A 486 29.76 -22.40 10.16
CA ARG A 486 29.76 -23.74 10.75
C ARG A 486 29.68 -23.67 12.27
N LYS A 487 30.42 -22.73 12.88
CA LYS A 487 30.39 -22.61 14.34
C LYS A 487 29.00 -22.20 14.84
N ILE A 488 28.39 -21.19 14.20
CA ILE A 488 27.07 -20.74 14.62
C ILE A 488 26.04 -21.85 14.43
N SER A 489 26.08 -22.52 13.28
CA SER A 489 25.12 -23.59 13.02
C SER A 489 25.28 -24.73 14.01
N LYS A 490 26.52 -25.09 14.35
CA LYS A 490 26.77 -26.13 15.35
C LYS A 490 26.23 -25.71 16.70
N ASP A 491 26.41 -24.45 17.07
CA ASP A 491 25.86 -23.96 18.34
C ASP A 491 24.34 -24.05 18.35
N ALA A 492 23.69 -23.66 17.26
CA ALA A 492 22.24 -23.54 17.20
C ALA A 492 21.68 -24.47 16.13
N GLY A 493 21.29 -25.68 16.52
CA GLY A 493 20.45 -26.52 15.69
C GLY A 493 21.16 -27.38 14.66
N MET A 494 21.15 -26.95 13.41
CA MET A 494 21.59 -27.79 12.30
C MET A 494 23.11 -27.85 12.24
N PRO A 495 23.72 -29.02 12.40
CA PRO A 495 25.18 -29.14 12.35
C PRO A 495 25.72 -29.27 10.93
N ILE A 496 25.97 -28.15 10.25
CA ILE A 496 26.63 -28.20 8.95
C ILE A 496 27.92 -29.00 9.06
N GLN A 497 28.12 -29.96 8.16
CA GLN A 497 29.23 -30.89 8.24
C GLN A 497 30.15 -30.73 7.04
N GLY A 498 31.44 -30.99 7.28
CA GLY A 498 32.40 -31.13 6.21
C GLY A 498 32.80 -29.82 5.55
N GLN A 499 33.40 -29.97 4.38
CA GLN A 499 33.93 -28.93 3.52
C GLN A 499 33.05 -28.77 2.28
N PRO A 500 32.97 -27.56 1.72
CA PRO A 500 32.17 -27.39 0.48
C PRO A 500 32.73 -28.24 -0.64
N CYS A 501 31.83 -28.74 -1.47
CA CYS A 501 32.20 -29.61 -2.59
C CYS A 501 32.42 -28.83 -3.89
N PHE A 502 32.22 -27.52 -3.88
CA PHE A 502 32.35 -26.72 -5.09
C PHE A 502 32.48 -25.26 -4.71
N CYS A 503 33.45 -24.57 -5.28
CA CYS A 503 33.66 -23.14 -5.03
C CYS A 503 34.39 -22.56 -6.23
N LYS A 504 33.65 -21.86 -7.09
CA LYS A 504 34.21 -21.33 -8.33
C LYS A 504 33.60 -19.97 -8.62
N TYR A 505 34.28 -19.21 -9.47
CA TYR A 505 33.85 -17.89 -9.88
C TYR A 505 33.24 -17.96 -11.27
N ALA A 506 32.04 -17.39 -11.42
CA ALA A 506 31.24 -17.55 -12.63
C ALA A 506 30.67 -16.21 -13.07
N GLN A 507 31.52 -15.19 -13.17
CA GLN A 507 31.08 -13.88 -13.60
C GLN A 507 30.39 -13.95 -14.96
N GLY A 508 29.24 -13.28 -15.06
CA GLY A 508 28.42 -13.30 -16.27
C GLY A 508 27.03 -13.82 -15.94
N ALA A 509 26.02 -13.04 -16.32
CA ALA A 509 24.64 -13.40 -16.02
C ALA A 509 24.07 -14.44 -16.96
N ASP A 510 24.79 -14.81 -18.02
CA ASP A 510 24.34 -15.81 -18.98
C ASP A 510 25.01 -17.15 -18.77
N SER A 511 25.69 -17.36 -17.65
CA SER A 511 26.38 -18.60 -17.35
C SER A 511 25.87 -19.22 -16.06
N VAL A 512 24.55 -19.20 -15.88
CA VAL A 512 23.90 -19.78 -14.71
C VAL A 512 23.33 -21.16 -15.01
N GLU A 513 22.59 -21.28 -16.11
CA GLU A 513 21.96 -22.55 -16.45
C GLU A 513 22.97 -23.66 -16.72
N PRO A 514 24.01 -23.48 -17.54
CA PRO A 514 24.97 -24.58 -17.73
C PRO A 514 25.67 -24.99 -16.44
N MET A 515 26.03 -24.03 -15.59
CA MET A 515 26.70 -24.35 -14.34
C MET A 515 25.79 -25.14 -13.41
N PHE A 516 24.53 -24.71 -13.27
CA PHE A 516 23.60 -25.43 -12.42
C PHE A 516 23.32 -26.83 -12.97
N ARG A 517 23.19 -26.94 -14.29
CA ARG A 517 22.99 -28.26 -14.90
C ARG A 517 24.17 -29.18 -14.62
N HIS A 518 25.39 -28.66 -14.77
CA HIS A 518 26.57 -29.48 -14.50
C HIS A 518 26.63 -29.90 -13.04
N LEU A 519 26.32 -28.98 -12.12
CA LEU A 519 26.33 -29.34 -10.70
C LEU A 519 25.32 -30.43 -10.39
N LYS A 520 24.10 -30.29 -10.93
CA LYS A 520 23.06 -31.28 -10.69
C LYS A 520 23.44 -32.64 -11.27
N ASN A 521 24.02 -32.65 -12.47
CA ASN A 521 24.39 -33.92 -13.10
C ASN A 521 25.55 -34.58 -12.39
N THR A 522 26.52 -33.80 -11.92
CA THR A 522 27.74 -34.37 -11.35
C THR A 522 27.53 -34.80 -9.91
N TYR A 523 27.10 -33.88 -9.05
CA TYR A 523 27.05 -34.14 -7.61
C TYR A 523 25.69 -34.68 -7.23
N SER A 524 25.63 -35.97 -6.93
CA SER A 524 24.39 -36.59 -6.50
C SER A 524 24.04 -36.17 -5.08
N GLY A 525 22.74 -36.01 -4.83
CA GLY A 525 22.27 -35.61 -3.52
C GLY A 525 22.68 -34.21 -3.10
N LEU A 526 22.68 -33.27 -4.04
CA LEU A 526 22.90 -31.87 -3.69
C LEU A 526 21.77 -31.37 -2.80
N GLN A 527 22.09 -30.50 -1.85
CA GLN A 527 21.12 -30.16 -0.84
C GLN A 527 20.98 -28.65 -0.63
N LEU A 528 21.98 -27.87 -1.06
CA LEU A 528 21.93 -26.42 -0.88
C LEU A 528 23.02 -25.78 -1.72
N ILE A 529 22.73 -24.57 -2.21
CA ILE A 529 23.68 -23.78 -2.99
C ILE A 529 23.68 -22.36 -2.44
N ILE A 530 24.88 -21.80 -2.25
CA ILE A 530 25.05 -20.44 -1.73
C ILE A 530 25.54 -19.57 -2.88
N VAL A 531 24.93 -18.39 -3.03
CA VAL A 531 25.26 -17.47 -4.10
C VAL A 531 25.62 -16.11 -3.50
N ILE A 532 26.60 -15.45 -4.11
CA ILE A 532 27.07 -14.13 -3.68
C ILE A 532 26.84 -13.15 -4.82
N LEU A 533 26.17 -12.03 -4.51
CA LEU A 533 25.74 -11.08 -5.52
C LEU A 533 26.45 -9.74 -5.33
N PRO A 534 27.07 -9.20 -6.38
CA PRO A 534 27.81 -7.94 -6.23
C PRO A 534 26.93 -6.73 -5.99
N GLY A 535 25.93 -6.53 -6.84
CA GLY A 535 25.11 -5.32 -6.76
C GLY A 535 23.63 -5.57 -6.95
N LYS A 536 23.02 -4.84 -7.88
CA LYS A 536 21.61 -4.95 -8.20
C LYS A 536 21.42 -5.49 -9.61
N THR A 537 22.20 -6.51 -9.95
CA THR A 537 22.15 -7.11 -11.27
C THR A 537 20.89 -7.96 -11.44
N PRO A 538 20.49 -8.26 -12.68
CA PRO A 538 19.36 -9.16 -12.90
C PRO A 538 19.71 -10.62 -12.63
N VAL A 539 20.93 -10.85 -12.14
CA VAL A 539 21.36 -12.21 -11.80
C VAL A 539 20.44 -12.80 -10.74
N TYR A 540 19.94 -11.97 -9.82
CA TYR A 540 19.01 -12.47 -8.82
C TYR A 540 17.74 -13.05 -9.46
N ALA A 541 17.16 -12.30 -10.40
CA ALA A 541 15.95 -12.78 -11.08
C ALA A 541 16.24 -14.04 -11.88
N GLU A 542 17.37 -14.06 -12.59
CA GLU A 542 17.71 -15.25 -13.39
C GLU A 542 17.89 -16.47 -12.51
N VAL A 543 18.59 -16.32 -11.38
CA VAL A 543 18.82 -17.43 -10.48
C VAL A 543 17.51 -17.93 -9.89
N LYS A 544 16.63 -17.01 -9.47
CA LYS A 544 15.34 -17.43 -8.94
C LYS A 544 14.55 -18.21 -9.99
N ARG A 545 14.50 -17.71 -11.22
CA ARG A 545 13.74 -18.39 -12.26
C ARG A 545 14.31 -19.77 -12.55
N VAL A 546 15.64 -19.87 -12.67
CA VAL A 546 16.26 -21.15 -13.00
C VAL A 546 16.05 -22.15 -11.86
N GLY A 547 16.23 -21.72 -10.62
CA GLY A 547 16.14 -22.64 -9.50
C GLY A 547 14.73 -22.97 -9.05
N ASP A 548 13.74 -22.21 -9.48
CA ASP A 548 12.36 -22.50 -9.10
C ASP A 548 11.56 -23.15 -10.22
N THR A 549 11.64 -22.61 -11.45
CA THR A 549 10.82 -23.10 -12.53
C THR A 549 11.48 -24.25 -13.29
N LEU A 550 12.75 -24.10 -13.64
CA LEU A 550 13.38 -25.05 -14.57
C LEU A 550 13.84 -26.32 -13.85
N LEU A 551 14.77 -26.17 -12.89
CA LEU A 551 15.43 -27.34 -12.31
C LEU A 551 14.76 -27.79 -11.01
N GLY A 552 14.62 -26.89 -10.05
CA GLY A 552 13.98 -27.23 -8.79
C GLY A 552 14.93 -27.54 -7.65
N MET A 553 15.94 -26.69 -7.46
CA MET A 553 16.90 -26.83 -6.38
C MET A 553 16.86 -25.59 -5.49
N ALA A 554 17.17 -25.79 -4.21
CA ALA A 554 17.15 -24.69 -3.25
C ALA A 554 18.36 -23.79 -3.44
N THR A 555 18.15 -22.49 -3.29
CA THR A 555 19.21 -21.50 -3.47
C THR A 555 19.11 -20.44 -2.37
N GLN A 556 20.23 -19.80 -2.08
CA GLN A 556 20.30 -18.73 -1.09
C GLN A 556 21.28 -17.67 -1.56
N CYS A 557 20.90 -16.41 -1.42
CA CYS A 557 21.69 -15.29 -1.89
C CYS A 557 22.12 -14.41 -0.71
N VAL A 558 23.27 -13.75 -0.88
CA VAL A 558 23.82 -12.89 0.16
C VAL A 558 24.71 -11.84 -0.49
N GLN A 559 24.78 -10.67 0.13
CA GLN A 559 25.59 -9.55 -0.34
C GLN A 559 27.06 -9.75 0.00
N VAL A 560 27.92 -9.07 -0.76
CA VAL A 560 29.36 -9.11 -0.50
C VAL A 560 29.69 -8.38 0.80
N LYS A 561 28.96 -7.31 1.09
CA LYS A 561 29.26 -6.50 2.27
C LYS A 561 29.09 -7.32 3.54
N ASN A 562 28.01 -8.08 3.65
CA ASN A 562 27.80 -8.92 4.82
C ASN A 562 28.73 -10.13 4.87
N VAL A 563 29.43 -10.41 3.78
CA VAL A 563 30.45 -11.46 3.79
C VAL A 563 31.80 -10.92 4.26
N VAL A 564 32.16 -9.72 3.82
CA VAL A 564 33.40 -9.09 4.29
C VAL A 564 33.26 -8.44 5.64
N LYS A 565 32.03 -8.32 6.17
CA LYS A 565 31.78 -7.79 7.51
C LYS A 565 30.86 -8.77 8.23
N THR A 566 31.44 -9.78 8.88
CA THR A 566 30.64 -10.78 9.56
C THR A 566 29.97 -10.20 10.80
N SER A 567 28.84 -10.79 11.19
CA SER A 567 28.13 -10.35 12.38
C SER A 567 27.25 -11.47 12.90
N PRO A 568 27.23 -11.71 14.21
CA PRO A 568 26.43 -12.82 14.76
C PRO A 568 24.95 -12.70 14.45
N GLN A 569 24.38 -11.50 14.49
CA GLN A 569 22.95 -11.35 14.20
C GLN A 569 22.64 -11.70 12.75
N THR A 570 23.48 -11.23 11.83
CA THR A 570 23.31 -11.56 10.42
C THR A 570 23.40 -13.07 10.21
N LEU A 571 24.40 -13.71 10.83
CA LEU A 571 24.56 -15.15 10.65
C LEU A 571 23.38 -15.93 11.24
N SER A 572 22.88 -15.49 12.39
CA SER A 572 21.74 -16.17 12.99
C SER A 572 20.49 -16.03 12.13
N ASN A 573 20.24 -14.83 11.58
CA ASN A 573 19.10 -14.64 10.70
C ASN A 573 19.22 -15.50 9.45
N LEU A 574 20.44 -15.58 8.89
CA LEU A 574 20.65 -16.40 7.70
C LEU A 574 20.39 -17.87 8.00
N CYS A 575 20.82 -18.34 9.17
CA CYS A 575 20.53 -19.72 9.57
C CYS A 575 19.02 -19.93 9.74
N LEU A 576 18.33 -18.95 10.30
CA LEU A 576 16.87 -19.04 10.43
C LEU A 576 16.21 -19.20 9.07
N LYS A 577 16.68 -18.46 8.07
CA LYS A 577 16.17 -18.65 6.71
C LYS A 577 16.46 -20.06 6.20
N ILE A 578 17.72 -20.48 6.31
CA ILE A 578 18.17 -21.72 5.68
C ILE A 578 17.44 -22.93 6.25
N ASN A 579 17.19 -22.95 7.56
CA ASN A 579 16.61 -24.13 8.19
C ASN A 579 15.23 -24.44 7.63
N VAL A 580 14.39 -23.42 7.43
CA VAL A 580 13.08 -23.67 6.85
C VAL A 580 13.12 -23.73 5.33
N LYS A 581 14.17 -23.20 4.69
CA LYS A 581 14.36 -23.50 3.27
C LYS A 581 14.56 -24.99 3.05
N LEU A 582 15.32 -25.64 3.92
CA LEU A 582 15.56 -27.07 3.76
C LEU A 582 14.36 -27.93 4.14
N GLY A 583 13.51 -27.46 5.06
CA GLY A 583 12.34 -28.23 5.41
C GLY A 583 12.24 -28.61 6.87
N GLY A 584 12.84 -27.83 7.77
CA GLY A 584 12.79 -28.08 9.19
C GLY A 584 11.71 -27.26 9.88
N ILE A 585 11.78 -27.26 11.21
CA ILE A 585 10.84 -26.54 12.06
C ILE A 585 11.64 -25.73 13.07
N ASN A 586 11.25 -24.46 13.26
CA ASN A 586 11.98 -23.59 14.17
C ASN A 586 11.41 -23.62 15.58
N ASN A 587 10.14 -23.28 15.73
CA ASN A 587 9.48 -23.30 17.03
C ASN A 587 7.98 -23.46 16.84
N ILE A 588 7.30 -23.87 17.90
CA ILE A 588 5.85 -24.06 17.87
C ILE A 588 5.25 -23.39 19.09
N LEU A 589 3.99 -22.98 18.96
CA LEU A 589 3.26 -22.42 20.10
C LEU A 589 3.07 -23.47 21.18
N VAL A 590 3.10 -23.03 22.43
CA VAL A 590 2.87 -23.95 23.54
C VAL A 590 1.43 -24.43 23.50
N PRO A 591 1.18 -25.74 23.48
CA PRO A 591 -0.20 -26.22 23.28
C PRO A 591 -1.15 -25.90 24.42
N HIS A 592 -0.66 -25.65 25.62
CA HIS A 592 -1.55 -25.47 26.77
C HIS A 592 -2.27 -24.12 26.70
N GLN A 593 -1.54 -23.05 26.39
CA GLN A 593 -2.13 -21.72 26.29
C GLN A 593 -2.52 -21.49 24.83
N ARG A 594 -3.77 -21.78 24.51
CA ARG A 594 -4.25 -21.72 23.13
C ARG A 594 -5.76 -21.64 23.15
N SER A 595 -6.33 -21.27 22.01
CA SER A 595 -7.77 -21.12 21.90
C SER A 595 -8.47 -22.48 21.98
N ALA A 596 -9.78 -22.44 22.18
CA ALA A 596 -10.59 -23.64 22.26
C ALA A 596 -11.05 -24.14 20.90
N VAL A 597 -10.70 -23.45 19.82
CA VAL A 597 -11.11 -23.86 18.48
C VAL A 597 -10.21 -24.95 17.91
N PHE A 598 -9.06 -25.21 18.52
CA PHE A 598 -8.09 -26.17 17.98
C PHE A 598 -8.41 -27.61 18.36
N GLN A 599 -9.50 -27.85 19.09
CA GLN A 599 -9.85 -29.21 19.48
C GLN A 599 -10.16 -30.11 18.29
N GLN A 600 -10.52 -29.54 17.15
CA GLN A 600 -10.85 -30.25 15.94
C GLN A 600 -10.09 -29.65 14.77
N PRO A 601 -9.84 -30.42 13.71
CA PRO A 601 -8.99 -29.92 12.62
C PRO A 601 -9.54 -28.64 12.01
N VAL A 602 -8.63 -27.71 11.73
CA VAL A 602 -8.96 -26.43 11.11
C VAL A 602 -7.89 -26.10 10.08
N ILE A 603 -8.21 -25.17 9.19
CA ILE A 603 -7.29 -24.72 8.14
C ILE A 603 -7.38 -23.20 8.05
N PHE A 604 -6.22 -22.57 7.87
CA PHE A 604 -6.12 -21.12 7.77
C PHE A 604 -5.71 -20.74 6.35
N LEU A 605 -6.42 -19.78 5.77
CA LEU A 605 -6.16 -19.34 4.40
C LEU A 605 -5.85 -17.85 4.39
N GLY A 606 -5.41 -17.38 3.23
CA GLY A 606 -5.12 -15.97 3.02
C GLY A 606 -5.07 -15.67 1.54
N ALA A 607 -5.28 -14.40 1.21
CA ALA A 607 -5.34 -14.00 -0.19
C ALA A 607 -4.88 -12.56 -0.35
N ASP A 608 -4.48 -12.22 -1.56
CA ASP A 608 -4.01 -10.87 -1.89
C ASP A 608 -4.04 -10.69 -3.39
N VAL A 609 -4.20 -9.44 -3.82
CA VAL A 609 -4.23 -9.07 -5.22
C VAL A 609 -3.25 -7.93 -5.45
N THR A 610 -2.41 -8.06 -6.48
CA THR A 610 -1.40 -7.07 -6.80
C THR A 610 -1.69 -6.49 -8.17
N HIS A 611 -1.71 -5.15 -8.27
CA HIS A 611 -2.04 -4.46 -9.50
C HIS A 611 -0.81 -3.79 -10.11
N PRO A 612 -0.77 -3.64 -11.43
CA PRO A 612 0.37 -2.98 -12.06
C PRO A 612 0.43 -1.52 -11.68
N PRO A 613 1.62 -0.93 -11.64
CA PRO A 613 1.75 0.47 -11.23
C PRO A 613 1.64 1.44 -12.39
N ALA A 614 1.30 2.68 -12.04
CA ALA A 614 1.24 3.83 -12.96
C ALA A 614 0.24 3.50 -14.08
N GLY A 615 0.52 3.87 -15.31
CA GLY A 615 -0.37 3.60 -16.43
C GLY A 615 0.37 3.03 -17.63
N ASP A 616 1.39 2.22 -17.35
CA ASP A 616 2.23 1.65 -18.40
C ASP A 616 1.52 0.46 -19.05
N GLY A 617 2.28 -0.35 -19.79
CA GLY A 617 1.77 -1.50 -20.49
C GLY A 617 0.86 -2.40 -19.67
N LYS A 618 -0.12 -3.01 -20.32
CA LYS A 618 -1.15 -3.79 -19.64
C LYS A 618 -0.60 -5.15 -19.20
N LYS A 619 0.34 -5.09 -18.26
CA LYS A 619 0.82 -6.30 -17.63
C LYS A 619 -0.27 -6.90 -16.74
N PRO A 620 -0.34 -8.23 -16.66
CA PRO A 620 -1.44 -8.85 -15.91
C PRO A 620 -1.33 -8.61 -14.42
N SER A 621 -2.48 -8.60 -13.76
CA SER A 621 -2.51 -8.59 -12.31
C SER A 621 -2.35 -10.00 -11.78
N ILE A 622 -1.96 -10.11 -10.51
CA ILE A 622 -1.58 -11.38 -9.91
C ILE A 622 -2.34 -11.58 -8.61
N THR A 623 -2.84 -12.79 -8.39
CA THR A 623 -3.52 -13.17 -7.16
C THR A 623 -2.87 -14.43 -6.60
N ALA A 624 -3.01 -14.63 -5.29
CA ALA A 624 -2.35 -15.75 -4.64
C ALA A 624 -3.14 -16.18 -3.41
N VAL A 625 -3.04 -17.47 -3.09
CA VAL A 625 -3.71 -18.06 -1.93
C VAL A 625 -2.75 -19.05 -1.28
N VAL A 626 -2.68 -19.01 0.06
CA VAL A 626 -1.85 -19.94 0.82
C VAL A 626 -2.70 -20.60 1.90
N GLY A 627 -2.21 -21.74 2.38
CA GLY A 627 -2.94 -22.49 3.40
C GLY A 627 -2.01 -23.37 4.21
N SER A 628 -2.44 -23.65 5.44
CA SER A 628 -1.64 -24.43 6.37
C SER A 628 -1.77 -25.92 6.10
N MET A 629 -0.81 -26.70 6.65
CA MET A 629 -0.76 -28.13 6.43
C MET A 629 -0.48 -28.93 7.70
N ASP A 630 -0.53 -28.31 8.88
CA ASP A 630 -0.17 -28.98 10.12
C ASP A 630 -1.18 -28.64 11.20
N ALA A 631 -1.24 -29.50 12.22
CA ALA A 631 -2.11 -29.22 13.36
C ALA A 631 -1.69 -27.95 14.07
N HIS A 632 -0.42 -27.83 14.42
CA HIS A 632 0.14 -26.56 14.83
C HIS A 632 0.57 -25.79 13.59
N PRO A 633 0.08 -24.57 13.38
CA PRO A 633 0.23 -23.91 12.07
C PRO A 633 1.65 -23.43 11.79
N SER A 634 2.49 -24.32 11.26
CA SER A 634 3.88 -23.98 10.99
C SER A 634 4.34 -24.21 9.55
N ARG A 635 3.49 -24.75 8.68
CA ARG A 635 3.87 -25.03 7.30
C ARG A 635 2.76 -24.56 6.35
N TYR A 636 3.15 -24.18 5.14
CA TYR A 636 2.23 -23.56 4.21
C TYR A 636 2.59 -23.93 2.77
N CYS A 637 1.63 -23.73 1.87
CA CYS A 637 1.80 -23.95 0.43
C CYS A 637 1.07 -22.85 -0.33
N ALA A 638 1.49 -22.64 -1.58
CA ALA A 638 0.99 -21.52 -2.38
C ALA A 638 0.53 -22.00 -3.76
N THR A 639 -0.48 -21.30 -4.30
CA THR A 639 -1.14 -21.67 -5.55
C THR A 639 -1.37 -20.44 -6.44
N VAL A 640 -0.32 -19.63 -6.64
CA VAL A 640 -0.47 -18.37 -7.37
C VAL A 640 -0.85 -18.61 -8.82
N ARG A 641 -1.69 -17.72 -9.37
CA ARG A 641 -2.03 -17.71 -10.79
C ARG A 641 -2.57 -16.33 -11.16
N VAL A 642 -2.64 -16.05 -12.45
CA VAL A 642 -2.88 -14.71 -12.97
C VAL A 642 -4.32 -14.60 -13.47
N GLN A 643 -4.71 -13.37 -13.81
CA GLN A 643 -6.07 -13.07 -14.24
C GLN A 643 -6.06 -11.78 -15.07
N ARG A 644 -7.26 -11.30 -15.41
CA ARG A 644 -7.40 -10.12 -16.26
C ARG A 644 -6.93 -8.87 -15.51
N PRO A 645 -6.28 -7.93 -16.20
CA PRO A 645 -5.75 -6.74 -15.51
C PRO A 645 -6.85 -5.83 -14.98
N ARG A 646 -6.52 -5.14 -13.88
CA ARG A 646 -7.37 -4.12 -13.27
C ARG A 646 -8.75 -4.68 -12.91
N GLN A 647 -8.74 -5.66 -12.01
CA GLN A 647 -9.98 -6.24 -11.50
C GLN A 647 -9.76 -6.61 -10.04
N GLU A 648 -10.77 -6.36 -9.21
CA GLU A 648 -10.70 -6.61 -7.78
C GLU A 648 -11.45 -7.87 -7.38
N ILE A 649 -11.47 -8.89 -8.23
CA ILE A 649 -12.16 -10.14 -7.98
C ILE A 649 -11.20 -11.29 -8.28
N ILE A 650 -11.15 -12.26 -7.37
CA ILE A 650 -10.43 -13.52 -7.62
C ILE A 650 -11.41 -14.46 -8.32
N GLU A 651 -11.05 -14.91 -9.51
CA GLU A 651 -11.97 -15.72 -10.32
C GLU A 651 -11.81 -17.21 -10.09
N ASP A 652 -10.58 -17.68 -9.84
CA ASP A 652 -10.30 -19.10 -9.69
C ASP A 652 -10.30 -19.55 -8.24
N LEU A 653 -11.09 -18.89 -7.39
CA LEU A 653 -11.12 -19.21 -5.97
C LEU A 653 -11.55 -20.66 -5.75
N SER A 654 -12.52 -21.13 -6.53
CA SER A 654 -13.02 -22.49 -6.36
C SER A 654 -11.91 -23.51 -6.60
N TYR A 655 -11.20 -23.38 -7.71
CA TYR A 655 -10.11 -24.31 -8.02
C TYR A 655 -9.00 -24.23 -6.99
N MET A 656 -8.62 -23.01 -6.58
CA MET A 656 -7.56 -22.86 -5.61
C MET A 656 -7.91 -23.54 -4.28
N VAL A 657 -9.13 -23.30 -3.79
CA VAL A 657 -9.53 -23.88 -2.52
C VAL A 657 -9.64 -25.40 -2.62
N ARG A 658 -10.13 -25.91 -3.76
CA ARG A 658 -10.22 -27.35 -3.93
C ARG A 658 -8.83 -27.99 -3.90
N GLU A 659 -7.86 -27.37 -4.58
CA GLU A 659 -6.50 -27.88 -4.56
C GLU A 659 -5.90 -27.87 -3.15
N LEU A 660 -6.12 -26.77 -2.42
CA LEU A 660 -5.59 -26.69 -1.06
C LEU A 660 -6.22 -27.74 -0.15
N LEU A 661 -7.52 -27.97 -0.29
CA LEU A 661 -8.18 -28.98 0.53
C LEU A 661 -7.68 -30.37 0.19
N ILE A 662 -7.45 -30.64 -1.09
CA ILE A 662 -6.90 -31.95 -1.50
C ILE A 662 -5.54 -32.16 -0.88
N GLN A 663 -4.67 -31.15 -0.93
CA GLN A 663 -3.34 -31.29 -0.34
C GLN A 663 -3.42 -31.46 1.17
N PHE A 664 -4.31 -30.72 1.83
CA PHE A 664 -4.46 -30.86 3.29
C PHE A 664 -4.91 -32.28 3.64
N TYR A 665 -5.86 -32.84 2.90
CA TYR A 665 -6.28 -34.21 3.16
C TYR A 665 -5.14 -35.18 2.94
N LYS A 666 -4.41 -35.02 1.83
CA LYS A 666 -3.32 -35.94 1.53
C LYS A 666 -2.22 -35.88 2.58
N SER A 667 -2.04 -34.73 3.22
CA SER A 667 -0.97 -34.59 4.21
C SER A 667 -1.39 -34.93 5.62
N THR A 668 -2.68 -34.81 5.97
CA THR A 668 -3.09 -34.98 7.36
C THR A 668 -4.00 -36.19 7.59
N ARG A 669 -4.54 -36.79 6.53
CA ARG A 669 -5.45 -37.94 6.59
C ARG A 669 -6.81 -37.60 7.21
N PHE A 670 -7.10 -36.32 7.45
CA PHE A 670 -8.39 -35.88 7.95
C PHE A 670 -8.98 -34.85 6.98
N LYS A 671 -10.20 -34.41 7.30
CA LYS A 671 -10.92 -33.43 6.51
C LYS A 671 -11.25 -32.23 7.37
N PRO A 672 -10.93 -31.01 6.93
CA PRO A 672 -11.16 -29.83 7.77
C PRO A 672 -12.65 -29.62 8.04
N THR A 673 -12.95 -29.16 9.25
CA THR A 673 -14.32 -28.86 9.66
C THR A 673 -14.61 -27.37 9.69
N ARG A 674 -13.60 -26.54 9.88
CA ARG A 674 -13.76 -25.09 9.88
C ARG A 674 -12.74 -24.47 8.94
N ILE A 675 -13.07 -23.31 8.41
CA ILE A 675 -12.20 -22.56 7.51
C ILE A 675 -12.14 -21.12 7.98
N ILE A 676 -10.94 -20.56 8.04
CA ILE A 676 -10.72 -19.17 8.45
C ILE A 676 -10.04 -18.45 7.29
N PHE A 677 -10.64 -17.34 6.86
CA PHE A 677 -10.17 -16.58 5.71
C PHE A 677 -9.69 -15.21 6.15
N TYR A 678 -8.60 -14.74 5.54
CA TYR A 678 -8.02 -13.42 5.83
C TYR A 678 -7.77 -12.71 4.51
N ARG A 679 -8.78 -11.97 4.05
CA ARG A 679 -8.63 -11.19 2.82
C ARG A 679 -7.92 -9.88 3.11
N ASP A 680 -7.04 -9.48 2.20
CA ASP A 680 -6.25 -8.27 2.37
C ASP A 680 -6.31 -7.43 1.10
N GLY A 681 -6.46 -6.12 1.28
CA GLY A 681 -6.43 -5.19 0.16
C GLY A 681 -7.78 -5.02 -0.53
N VAL A 682 -8.80 -4.65 0.23
CA VAL A 682 -10.15 -4.44 -0.30
C VAL A 682 -10.44 -2.94 -0.27
N PRO A 683 -10.66 -2.29 -1.41
CA PRO A 683 -11.03 -0.87 -1.39
C PRO A 683 -12.38 -0.67 -0.71
N GLU A 684 -12.50 0.46 -0.02
CA GLU A 684 -13.73 0.76 0.70
C GLU A 684 -14.85 1.10 -0.28
N GLY A 685 -16.06 0.66 0.06
CA GLY A 685 -17.22 0.90 -0.77
C GLY A 685 -17.46 -0.12 -1.85
N GLN A 686 -16.69 -1.21 -1.87
CA GLN A 686 -16.85 -2.27 -2.87
C GLN A 686 -16.92 -3.64 -2.20
N LEU A 687 -17.38 -3.67 -0.95
CA LEU A 687 -17.39 -4.89 -0.14
C LEU A 687 -18.53 -5.87 -0.42
N PRO A 688 -19.78 -5.42 -0.66
CA PRO A 688 -20.87 -6.42 -0.73
C PRO A 688 -20.77 -7.33 -1.95
N GLN A 689 -20.44 -6.77 -3.12
CA GLN A 689 -20.28 -7.59 -4.31
C GLN A 689 -19.15 -8.61 -4.15
N ILE A 690 -18.03 -8.16 -3.58
CA ILE A 690 -16.91 -9.06 -3.34
C ILE A 690 -17.31 -10.18 -2.40
N LEU A 691 -18.01 -9.83 -1.31
CA LEU A 691 -18.44 -10.85 -0.35
C LEU A 691 -19.37 -11.86 -1.02
N HIS A 692 -20.35 -11.38 -1.79
CA HIS A 692 -21.27 -12.26 -2.49
C HIS A 692 -20.51 -13.24 -3.38
N TYR A 693 -19.73 -12.70 -4.31
CA TYR A 693 -18.99 -13.55 -5.27
C TYR A 693 -18.15 -14.60 -4.53
N GLU A 694 -17.25 -14.15 -3.66
CA GLU A 694 -16.32 -15.10 -2.99
C GLU A 694 -17.10 -16.11 -2.15
N LEU A 695 -18.07 -15.67 -1.35
CA LEU A 695 -18.81 -16.62 -0.48
C LEU A 695 -19.45 -17.70 -1.36
N LEU A 696 -19.94 -17.33 -2.54
CA LEU A 696 -20.49 -18.32 -3.46
C LEU A 696 -19.40 -19.22 -4.00
N ALA A 697 -18.24 -18.65 -4.34
CA ALA A 697 -17.14 -19.46 -4.87
C ALA A 697 -16.65 -20.48 -3.85
N ILE A 698 -16.47 -20.06 -2.60
CA ILE A 698 -16.01 -20.99 -1.56
C ILE A 698 -17.02 -22.12 -1.37
N ARG A 699 -18.31 -21.78 -1.31
CA ARG A 699 -19.31 -22.82 -1.12
C ARG A 699 -19.36 -23.79 -2.29
N ASP A 700 -19.24 -23.27 -3.52
CA ASP A 700 -19.20 -24.14 -4.68
C ASP A 700 -17.99 -25.07 -4.65
N ALA A 701 -16.83 -24.53 -4.27
CA ALA A 701 -15.63 -25.36 -4.18
C ALA A 701 -15.81 -26.47 -3.15
N CYS A 702 -16.43 -26.14 -2.01
CA CYS A 702 -16.70 -27.19 -1.02
C CYS A 702 -17.68 -28.22 -1.55
N ILE A 703 -18.68 -27.79 -2.31
CA ILE A 703 -19.70 -28.72 -2.81
C ILE A 703 -19.11 -29.69 -3.83
N LYS A 704 -18.34 -29.18 -4.79
CA LYS A 704 -17.90 -30.01 -5.91
C LYS A 704 -17.01 -31.16 -5.46
N LEU A 705 -16.20 -30.96 -4.42
CA LEU A 705 -15.27 -32.00 -3.99
C LEU A 705 -16.02 -33.25 -3.51
N GLU A 706 -17.09 -33.06 -2.76
CA GLU A 706 -17.84 -34.19 -2.21
C GLU A 706 -19.26 -33.72 -1.89
N LYS A 707 -20.24 -34.54 -2.26
CA LYS A 707 -21.63 -34.20 -1.99
C LYS A 707 -21.91 -34.25 -0.49
N ASP A 708 -22.82 -33.39 -0.05
CA ASP A 708 -23.24 -33.31 1.35
C ASP A 708 -22.04 -33.00 2.27
N TYR A 709 -21.14 -32.15 1.79
CA TYR A 709 -20.00 -31.67 2.56
C TYR A 709 -20.13 -30.17 2.72
N GLN A 710 -20.26 -29.71 3.96
CA GLN A 710 -20.51 -28.29 4.24
C GLN A 710 -19.86 -27.91 5.56
N PRO A 711 -18.68 -27.29 5.52
CA PRO A 711 -18.05 -26.78 6.74
C PRO A 711 -18.41 -25.31 6.99
N GLY A 712 -18.06 -24.86 8.19
CA GLY A 712 -18.26 -23.46 8.51
C GLY A 712 -17.24 -22.57 7.82
N ILE A 713 -17.63 -21.32 7.59
CA ILE A 713 -16.79 -20.35 6.89
C ILE A 713 -16.82 -19.04 7.67
N THR A 714 -15.64 -18.47 7.90
CA THR A 714 -15.49 -17.16 8.54
C THR A 714 -14.70 -16.25 7.62
N TYR A 715 -15.22 -15.06 7.38
CA TYR A 715 -14.64 -14.11 6.43
C TYR A 715 -14.21 -12.86 7.17
N ILE A 716 -12.93 -12.53 7.06
CA ILE A 716 -12.35 -11.37 7.73
C ILE A 716 -11.52 -10.59 6.72
N VAL A 717 -11.65 -9.27 6.75
CA VAL A 717 -10.87 -8.38 5.89
C VAL A 717 -10.05 -7.45 6.77
N VAL A 718 -8.78 -7.27 6.43
CA VAL A 718 -7.89 -6.41 7.17
C VAL A 718 -7.67 -5.13 6.36
N GLN A 719 -7.33 -4.06 7.06
CA GLN A 719 -7.10 -2.76 6.41
C GLN A 719 -6.00 -2.04 7.15
N LYS A 720 -4.95 -1.65 6.43
CA LYS A 720 -3.80 -0.96 7.02
C LYS A 720 -3.58 0.42 6.43
N ARG A 721 -4.45 0.88 5.53
CA ARG A 721 -4.32 2.19 4.89
C ARG A 721 -5.50 3.05 5.33
N HIS A 722 -5.35 3.72 6.47
CA HIS A 722 -6.38 4.60 7.00
C HIS A 722 -5.68 5.73 7.76
N HIS A 723 -6.46 6.55 8.47
CA HIS A 723 -5.96 7.77 9.07
C HIS A 723 -6.43 7.91 10.51
N THR A 724 -6.29 6.84 11.29
CA THR A 724 -6.61 6.88 12.72
C THR A 724 -5.34 6.59 13.52
N ARG A 725 -5.01 7.50 14.43
CA ARG A 725 -3.83 7.36 15.28
C ARG A 725 -4.25 7.47 16.74
N LEU A 726 -3.69 6.61 17.58
CA LEU A 726 -3.97 6.60 19.01
C LEU A 726 -2.73 7.01 19.78
N PHE A 727 -2.87 8.01 20.63
CA PHE A 727 -1.76 8.53 21.43
C PHE A 727 -1.95 8.17 22.89
N CYS A 728 -0.87 8.29 23.65
CA CYS A 728 -0.88 7.93 25.06
C CYS A 728 -1.21 9.15 25.91
N ALA A 729 -2.18 9.00 26.80
CA ALA A 729 -2.63 10.13 27.60
C ALA A 729 -1.61 10.51 28.67
N ASP A 730 -1.07 9.52 29.38
CA ASP A 730 -0.15 9.77 30.47
C ASP A 730 1.29 9.77 29.98
N LYS A 731 2.13 10.54 30.67
CA LYS A 731 3.54 10.66 30.33
C LYS A 731 4.42 9.64 31.03
N ASN A 732 3.87 8.87 31.96
CA ASN A 732 4.63 7.87 32.70
C ASN A 732 4.55 6.48 32.09
N GLU A 733 3.79 6.29 31.02
CA GLU A 733 3.62 4.99 30.40
C GLU A 733 3.86 5.07 28.90
N ARG A 734 4.94 5.74 28.49
CA ARG A 734 5.37 5.76 27.11
C ARG A 734 6.53 4.77 26.94
N ILE A 735 6.46 3.96 25.90
CA ILE A 735 7.43 2.89 25.66
C ILE A 735 8.37 3.33 24.55
N GLY A 736 9.66 3.38 24.86
CA GLY A 736 10.66 3.74 23.87
C GLY A 736 10.98 5.21 23.86
N LYS A 737 11.91 5.57 22.97
CA LYS A 737 12.30 6.96 22.81
C LYS A 737 11.25 7.79 22.07
N SER A 738 10.38 7.13 21.30
CA SER A 738 9.36 7.83 20.53
C SER A 738 8.03 7.96 21.26
N GLY A 739 7.91 7.40 22.46
CA GLY A 739 6.70 7.55 23.24
C GLY A 739 5.47 6.92 22.62
N ASN A 740 5.64 5.83 21.87
CA ASN A 740 4.50 5.14 21.29
C ASN A 740 3.77 4.32 22.33
N ILE A 741 2.56 3.90 21.99
CA ILE A 741 1.75 3.06 22.87
C ILE A 741 2.41 1.68 22.93
N PRO A 742 2.20 0.90 24.00
CA PRO A 742 2.80 -0.43 24.07
C PRO A 742 2.24 -1.37 23.00
N ALA A 743 2.78 -2.57 22.92
CA ALA A 743 2.39 -3.53 21.89
C ALA A 743 1.30 -4.45 22.45
N GLY A 744 0.15 -4.49 21.77
CA GLY A 744 -0.95 -5.33 22.18
C GLY A 744 -2.08 -4.58 22.85
N THR A 745 -2.39 -3.40 22.34
CA THR A 745 -3.46 -2.56 22.88
C THR A 745 -4.61 -2.50 21.88
N THR A 746 -5.82 -2.80 22.35
CA THR A 746 -7.00 -2.81 21.50
C THR A 746 -8.02 -1.81 22.03
N VAL A 747 -8.74 -1.18 21.10
CA VAL A 747 -9.84 -0.28 21.43
C VAL A 747 -11.06 -0.73 20.65
N ASP A 748 -12.23 -0.69 21.30
CA ASP A 748 -13.44 -1.27 20.74
C ASP A 748 -14.66 -0.37 20.88
N THR A 749 -14.51 0.84 21.40
CA THR A 749 -15.66 1.69 21.68
C THR A 749 -15.38 3.13 21.28
N ASN A 750 -16.47 3.86 21.07
CA ASN A 750 -16.48 5.33 20.95
C ASN A 750 -15.90 5.85 19.64
N ILE A 751 -15.30 4.99 18.83
CA ILE A 751 -14.78 5.42 17.53
C ILE A 751 -15.12 4.40 16.46
N THR A 752 -16.00 3.45 16.78
CA THR A 752 -16.29 2.35 15.88
C THR A 752 -17.76 2.38 15.46
N HIS A 753 -18.05 1.64 14.39
CA HIS A 753 -19.37 1.65 13.78
C HIS A 753 -20.42 1.12 14.76
N PRO A 754 -21.63 1.68 14.74
CA PRO A 754 -22.63 1.35 15.77
C PRO A 754 -23.01 -0.13 15.89
N PHE A 755 -23.50 -0.75 14.82
CA PHE A 755 -24.07 -2.09 14.91
C PHE A 755 -23.35 -3.08 13.99
N GLU A 756 -22.03 -2.97 13.91
CA GLU A 756 -21.21 -3.93 13.18
C GLU A 756 -20.06 -4.39 14.06
N PHE A 757 -19.53 -5.55 13.72
CA PHE A 757 -18.47 -6.19 14.50
C PHE A 757 -17.12 -5.82 13.91
N ASP A 758 -16.33 -5.06 14.66
CA ASP A 758 -15.00 -4.63 14.24
C ASP A 758 -14.25 -4.12 15.45
N PHE A 759 -12.93 -3.96 15.30
CA PHE A 759 -12.09 -3.50 16.39
C PHE A 759 -10.77 -3.00 15.83
N TYR A 760 -9.93 -2.48 16.73
CA TYR A 760 -8.59 -2.00 16.41
C TYR A 760 -7.57 -2.84 17.18
N LEU A 761 -6.35 -2.89 16.66
CA LEU A 761 -5.30 -3.66 17.32
C LEU A 761 -3.94 -3.14 16.86
N CYS A 762 -3.03 -2.99 17.83
CA CYS A 762 -1.64 -2.62 17.57
C CYS A 762 -0.76 -3.68 18.22
N SER A 763 -0.22 -4.59 17.41
CA SER A 763 0.46 -5.77 17.92
C SER A 763 1.97 -5.74 17.72
N HIS A 764 2.55 -4.60 17.35
CA HIS A 764 3.99 -4.50 17.17
C HIS A 764 4.52 -3.30 17.94
N ALA A 765 5.81 -3.37 18.28
CA ALA A 765 6.47 -2.30 19.01
C ALA A 765 7.14 -1.35 18.02
N GLY A 766 6.69 -0.10 18.01
CA GLY A 766 7.24 0.86 17.07
C GLY A 766 8.68 1.21 17.40
N ILE A 767 9.44 1.51 16.36
CA ILE A 767 10.85 1.86 16.50
C ILE A 767 11.20 3.20 15.88
N GLN A 768 10.40 3.71 14.95
CA GLN A 768 10.64 5.01 14.32
C GLN A 768 9.31 5.70 14.08
N GLY A 769 9.29 7.02 14.32
CA GLY A 769 8.07 7.76 14.09
C GLY A 769 6.96 7.33 15.02
N THR A 770 5.74 7.37 14.52
CA THR A 770 4.55 7.00 15.27
C THR A 770 3.90 5.78 14.65
N SER A 771 3.25 4.97 15.50
CA SER A 771 2.69 3.71 15.06
C SER A 771 1.45 3.94 14.17
N ARG A 772 0.89 2.84 13.70
CA ARG A 772 -0.31 2.87 12.86
C ARG A 772 -1.07 1.58 13.08
N PRO A 773 -2.13 1.61 13.90
CA PRO A 773 -2.87 0.38 14.20
C PRO A 773 -3.63 -0.12 12.98
N SER A 774 -4.00 -1.40 13.04
CA SER A 774 -4.73 -2.06 11.98
C SER A 774 -6.19 -2.22 12.35
N HIS A 775 -7.05 -2.24 11.34
CA HIS A 775 -8.49 -2.27 11.50
C HIS A 775 -9.04 -3.55 10.89
N TYR A 776 -9.73 -4.35 11.70
CA TYR A 776 -10.31 -5.61 11.27
C TYR A 776 -11.83 -5.47 11.20
N TYR A 777 -12.44 -6.14 10.22
CA TYR A 777 -13.86 -5.97 9.93
C TYR A 777 -14.40 -7.30 9.42
N VAL A 778 -15.09 -8.05 10.28
CA VAL A 778 -15.66 -9.31 9.85
C VAL A 778 -16.87 -9.04 8.96
N LEU A 779 -17.10 -9.95 8.02
CA LEU A 779 -18.22 -9.83 7.09
C LEU A 779 -19.21 -10.97 7.21
N TRP A 780 -18.74 -12.22 7.24
CA TRP A 780 -19.60 -13.38 7.41
C TRP A 780 -19.01 -14.25 8.53
N ASP A 781 -19.84 -14.61 9.49
CA ASP A 781 -19.43 -15.48 10.58
C ASP A 781 -20.39 -16.66 10.66
N ASP A 782 -19.84 -17.87 10.72
CA ASP A 782 -20.63 -19.09 10.82
C ASP A 782 -20.25 -19.97 11.98
N ASN A 783 -19.08 -19.77 12.60
CA ASN A 783 -18.65 -20.56 13.74
C ASN A 783 -18.99 -19.90 15.07
N ARG A 784 -19.72 -18.78 15.04
CA ARG A 784 -20.20 -18.05 16.22
C ARG A 784 -19.11 -17.88 17.28
N PHE A 785 -18.06 -17.16 16.88
CA PHE A 785 -17.00 -16.80 17.80
C PHE A 785 -17.43 -15.67 18.73
N THR A 786 -16.52 -15.27 19.60
CA THR A 786 -16.73 -14.18 20.54
C THR A 786 -15.62 -13.15 20.35
N ALA A 787 -15.87 -11.93 20.81
CA ALA A 787 -14.96 -10.82 20.54
C ALA A 787 -13.58 -11.09 21.13
N ASP A 788 -13.52 -11.43 22.43
CA ASP A 788 -12.23 -11.66 23.06
C ASP A 788 -11.53 -12.87 22.47
N GLU A 789 -12.28 -13.92 22.16
CA GLU A 789 -11.69 -15.11 21.56
C GLU A 789 -11.04 -14.78 20.22
N LEU A 790 -11.75 -14.04 19.36
CA LEU A 790 -11.21 -13.71 18.05
C LEU A 790 -10.01 -12.77 18.15
N GLN A 791 -10.08 -11.79 19.07
CA GLN A 791 -8.95 -10.88 19.25
C GLN A 791 -7.71 -11.62 19.73
N ILE A 792 -7.88 -12.53 20.70
CA ILE A 792 -6.75 -13.30 21.21
C ILE A 792 -6.20 -14.20 20.12
N LEU A 793 -7.08 -14.79 19.31
CA LEU A 793 -6.60 -15.65 18.22
C LEU A 793 -5.76 -14.86 17.22
N THR A 794 -6.22 -13.66 16.84
CA THR A 794 -5.44 -12.84 15.92
C THR A 794 -4.09 -12.46 16.53
N TYR A 795 -4.10 -12.04 17.80
CA TYR A 795 -2.85 -11.66 18.46
C TYR A 795 -1.87 -12.82 18.52
N GLN A 796 -2.37 -14.02 18.82
CA GLN A 796 -1.50 -15.20 18.87
C GLN A 796 -0.97 -15.55 17.48
N LEU A 797 -1.81 -15.43 16.46
CA LEU A 797 -1.36 -15.71 15.10
C LEU A 797 -0.32 -14.69 14.63
N CYS A 798 -0.26 -13.51 15.26
CA CYS A 798 0.77 -12.54 14.89
C CYS A 798 2.18 -12.98 15.27
N HIS A 799 2.34 -14.03 16.08
CA HIS A 799 3.64 -14.42 16.62
C HIS A 799 4.31 -15.54 15.83
N THR A 800 3.71 -16.03 14.75
CA THR A 800 4.15 -17.24 14.08
C THR A 800 5.11 -16.97 12.92
N TYR A 801 5.47 -15.71 12.68
CA TYR A 801 6.38 -15.39 11.58
C TYR A 801 7.73 -16.07 11.80
N VAL A 802 8.32 -16.57 10.71
CA VAL A 802 9.49 -17.45 10.79
C VAL A 802 10.78 -16.78 10.37
N ARG A 803 10.74 -15.58 9.81
CA ARG A 803 11.95 -14.92 9.35
C ARG A 803 12.57 -14.00 10.39
N CYS A 804 11.96 -13.87 11.57
CA CYS A 804 12.49 -13.01 12.60
C CYS A 804 11.92 -13.47 13.95
N THR A 805 12.53 -12.99 15.03
CA THR A 805 12.11 -13.32 16.38
C THR A 805 11.26 -12.21 16.99
N ARG A 806 10.45 -11.54 16.17
CA ARG A 806 9.66 -10.39 16.62
C ARG A 806 8.23 -10.55 16.12
N SER A 807 7.29 -9.99 16.89
CA SER A 807 5.91 -9.92 16.42
C SER A 807 5.78 -8.87 15.34
N VAL A 808 4.78 -9.04 14.48
CA VAL A 808 4.63 -8.24 13.28
C VAL A 808 3.21 -7.65 13.24
N SER A 809 2.93 -6.92 12.15
CA SER A 809 1.71 -6.13 12.07
C SER A 809 0.50 -6.98 11.71
N ILE A 810 0.53 -7.63 10.54
CA ILE A 810 -0.59 -8.42 10.07
C ILE A 810 -0.22 -9.90 10.17
N PRO A 811 -1.19 -10.82 10.10
CA PRO A 811 -0.86 -12.24 10.32
C PRO A 811 0.04 -12.84 9.26
N ALA A 812 0.59 -13.99 9.65
CA ALA A 812 1.45 -14.76 8.77
C ALA A 812 0.80 -15.14 7.44
N PRO A 813 -0.46 -15.57 7.37
CA PRO A 813 -1.06 -15.82 6.05
C PRO A 813 -1.02 -14.60 5.13
N ALA A 814 -1.26 -13.41 5.68
CA ALA A 814 -1.22 -12.20 4.85
C ALA A 814 0.19 -11.92 4.36
N TYR A 815 1.19 -11.99 5.26
CA TYR A 815 2.57 -11.85 4.80
C TYR A 815 2.93 -12.88 3.73
N TYR A 816 2.55 -14.14 3.94
CA TYR A 816 2.95 -15.18 3.00
C TYR A 816 2.30 -14.97 1.64
N ALA A 817 1.03 -14.56 1.62
CA ALA A 817 0.37 -14.27 0.35
C ALA A 817 1.05 -13.12 -0.38
N ARG A 818 1.39 -12.05 0.36
CA ARG A 818 2.08 -10.93 -0.28
C ARG A 818 3.44 -11.35 -0.82
N LEU A 819 4.18 -12.16 -0.06
CA LEU A 819 5.51 -12.58 -0.48
C LEU A 819 5.44 -13.48 -1.72
N VAL A 820 4.49 -14.40 -1.77
CA VAL A 820 4.39 -15.25 -2.96
C VAL A 820 3.93 -14.44 -4.16
N ALA A 821 3.07 -13.44 -3.96
CA ALA A 821 2.71 -12.56 -5.06
C ALA A 821 3.92 -11.83 -5.63
N PHE A 822 4.77 -11.28 -4.74
CA PHE A 822 5.97 -10.59 -5.21
C PHE A 822 6.94 -11.54 -5.91
N ARG A 823 7.08 -12.75 -5.38
CA ARG A 823 7.94 -13.73 -6.02
C ARG A 823 7.44 -14.09 -7.41
N ALA A 824 6.12 -14.23 -7.56
CA ALA A 824 5.56 -14.46 -8.90
C ALA A 824 5.83 -13.29 -9.82
N ARG A 825 5.77 -12.06 -9.28
CA ARG A 825 6.10 -10.89 -10.10
C ARG A 825 7.54 -10.95 -10.60
N TYR A 826 8.48 -11.37 -9.73
CA TYR A 826 9.85 -11.58 -10.21
C TYR A 826 9.90 -12.69 -11.25
N HIS A 827 9.10 -13.74 -11.08
CA HIS A 827 9.11 -14.85 -12.04
C HIS A 827 8.69 -14.39 -13.42
N LEU A 828 7.67 -13.53 -13.51
CA LEU A 828 7.19 -13.08 -14.81
C LEU A 828 8.18 -12.23 -15.57
N VAL A 829 9.18 -11.65 -14.89
CA VAL A 829 10.12 -10.75 -15.56
C VAL A 829 11.01 -11.60 -16.47
N ASP A 830 10.78 -11.52 -17.78
CA ASP A 830 11.51 -12.35 -18.73
C ASP A 830 12.82 -11.68 -19.14
N LYS A 831 12.74 -10.52 -19.78
CA LYS A 831 13.94 -9.82 -20.25
C LYS A 831 13.77 -8.32 -20.10
N ASP A 849 0.12 -12.56 -24.47
CA ASP A 849 0.19 -14.01 -24.65
C ASP A 849 -0.38 -14.73 -23.44
N PRO A 850 -1.71 -14.82 -23.36
CA PRO A 850 -2.33 -15.48 -22.20
C PRO A 850 -2.00 -16.96 -22.09
N GLN A 851 -1.56 -17.60 -23.17
CA GLN A 851 -1.30 -19.03 -23.13
C GLN A 851 -0.05 -19.35 -22.33
N ALA A 852 1.01 -18.55 -22.49
CA ALA A 852 2.29 -18.85 -21.87
C ALA A 852 2.43 -18.30 -20.44
N LEU A 853 1.51 -17.45 -20.00
CA LEU A 853 1.66 -16.84 -18.67
C LEU A 853 1.46 -17.87 -17.57
N ALA A 854 0.49 -18.77 -17.71
CA ALA A 854 0.30 -19.81 -16.72
C ALA A 854 1.51 -20.72 -16.64
N LYS A 855 2.10 -21.07 -17.79
CA LYS A 855 3.30 -21.88 -17.80
C LYS A 855 4.47 -21.16 -17.14
N ALA A 856 4.58 -19.85 -17.38
CA ALA A 856 5.65 -19.08 -16.74
C ALA A 856 5.48 -19.04 -15.23
N VAL A 857 4.25 -18.87 -14.74
CA VAL A 857 4.04 -18.76 -13.30
C VAL A 857 4.11 -20.12 -12.61
N GLN A 858 3.81 -21.21 -13.31
CA GLN A 858 3.82 -22.53 -12.68
C GLN A 858 5.23 -22.89 -12.21
N VAL A 859 5.31 -23.44 -10.99
CA VAL A 859 6.58 -23.78 -10.37
C VAL A 859 6.73 -25.30 -10.39
N HIS A 860 7.97 -25.75 -10.26
CA HIS A 860 8.30 -27.17 -10.45
C HIS A 860 7.68 -28.05 -9.37
N GLN A 861 7.44 -29.31 -9.74
CA GLN A 861 6.80 -30.26 -8.84
C GLN A 861 7.67 -30.56 -7.63
N ASP A 862 8.99 -30.65 -7.83
CA ASP A 862 9.88 -31.00 -6.74
C ASP A 862 9.95 -29.92 -5.67
N THR A 863 9.54 -28.70 -5.99
CA THR A 863 9.54 -27.61 -5.02
C THR A 863 8.15 -27.06 -4.72
N LEU A 864 7.10 -27.64 -5.31
CA LEU A 864 5.74 -27.24 -4.96
C LEU A 864 5.41 -27.45 -3.49
N ARG A 865 6.13 -28.33 -2.80
CA ARG A 865 5.73 -28.74 -1.46
C ARG A 865 6.42 -27.98 -0.34
N THR A 866 7.52 -27.29 -0.61
CA THR A 866 8.28 -26.61 0.42
C THR A 866 7.90 -25.14 0.52
N MET A 867 8.50 -24.45 1.49
CA MET A 867 8.26 -23.03 1.70
C MET A 867 9.36 -22.21 1.00
N TYR A 868 9.34 -22.30 -0.34
CA TYR A 868 10.37 -21.66 -1.13
C TYR A 868 10.30 -20.14 -1.05
N PHE A 869 9.12 -19.58 -0.77
CA PHE A 869 8.97 -18.13 -0.75
C PHE A 869 9.61 -17.51 0.48
N ALA A 870 9.64 -18.24 1.59
CA ALA A 870 10.21 -17.72 2.83
C ALA A 870 11.73 -17.72 2.79
#